data_8G41
#
_entry.id   8G41
#
_cell.length_a   44.060
_cell.length_b   51.320
_cell.length_c   92.750
_cell.angle_alpha   91.90
_cell.angle_beta   103.08
_cell.angle_gamma   109.89
#
_symmetry.space_group_name_H-M   'P 1'
#
loop_
_entity.id
_entity.type
_entity.pdbx_description
1 polymer 'Alcohol dehydrogenase E chain'
2 non-polymer 'ZINC ION'
3 non-polymer '1,4-DIHYDRONICOTINAMIDE ADENINE DINUCLEOTIDE'
4 non-polymer (4S)-2-METHYL-2,4-PENTANEDIOL
5 non-polymer (4R)-2-METHYLPENTANE-2,4-DIOL
6 water water
#
_entity_poly.entity_id   1
_entity_poly.type   'polypeptide(L)'
_entity_poly.pdbx_seq_one_letter_code
;STAGKVIKCKAAVLWEEKKPFSIEEVEVAPPKAHEVRIKMVATGICRSDDQVVSGTLVTPLPVIAGHEAAGIVESIGEGV
TTVRPGDKVIPLFTPQCGKCRVCKHPEGNFCLKNDLSMPRGTMQDGTSRFTCRGKPIHHFLGTSTFSQYTVVDEISVAKI
DAASPLEKVCLIGCGFSTGYGSAVKVAKVTQGSTCAVFGLGGVGLSVIMGCKAAGAARIIGVDINKDKFAKAKEVGATEC
VNPQDYKKPIQEVLTEMSNGGVDFSFEVIGRLDTMVTALSCCQEAYGVSVIVGVPPDSQNLSMNPMLLLSGRTWKGAIFG
GFKSKDSVPKLVADFMAKKFALDPLITHVLPFEKINEGFDLLRSGESIRTILTF
;
_entity_poly.pdbx_strand_id   A,B
#
loop_
_chem_comp.id
_chem_comp.type
_chem_comp.name
_chem_comp.formula
MPD non-polymer (4S)-2-METHYL-2,4-PENTANEDIOL 'C6 H14 O2'
MRD non-polymer (4R)-2-METHYLPENTANE-2,4-DIOL 'C6 H14 O2'
NAI non-polymer '1,4-DIHYDRONICOTINAMIDE ADENINE DINUCLEOTIDE' 'C21 H29 N7 O14 P2'
ZN non-polymer 'ZINC ION' 'Zn 2'
#
# COMPACT_ATOMS: atom_id res chain seq x y z
N SER A 1 24.58 20.09 41.10
CA SER A 1 25.57 21.02 40.48
C SER A 1 26.52 20.23 39.56
N THR A 2 25.98 19.30 38.77
CA THR A 2 26.61 18.88 37.49
C THR A 2 26.10 19.78 36.37
N ALA A 3 25.14 20.64 36.62
CA ALA A 3 24.56 21.54 35.60
C ALA A 3 25.69 22.37 35.01
N GLY A 4 25.74 22.42 33.68
CA GLY A 4 26.74 23.20 32.93
C GLY A 4 28.12 22.58 32.90
N LYS A 5 28.31 21.40 33.46
CA LYS A 5 29.63 20.74 33.48
C LYS A 5 29.62 19.46 32.64
N VAL A 6 30.76 19.10 32.13
CA VAL A 6 30.96 17.78 31.51
C VAL A 6 30.66 16.73 32.58
N ILE A 7 29.94 15.69 32.23
CA ILE A 7 29.78 14.49 33.09
C ILE A 7 30.63 13.37 32.51
N LYS A 8 31.47 12.76 33.35
CA LYS A 8 32.14 11.49 33.04
C LYS A 8 31.26 10.38 33.58
N CYS A 9 30.95 9.40 32.75
CA CYS A 9 30.06 8.28 33.12
C CYS A 9 30.37 7.06 32.26
N LYS A 10 29.76 5.93 32.60
CA LYS A 10 29.93 4.68 31.86
C LYS A 10 28.89 4.66 30.72
N ALA A 11 29.34 4.27 29.54
CA ALA A 11 28.46 3.95 28.40
C ALA A 11 28.89 2.64 27.76
N ALA A 12 28.02 2.08 26.93
CA ALA A 12 28.34 0.93 26.09
C ALA A 12 28.69 1.45 24.70
N VAL A 13 29.96 1.50 24.36
CA VAL A 13 30.41 2.05 23.05
C VAL A 13 30.56 0.88 22.10
N LEU A 14 30.08 1.06 20.87
CA LEU A 14 30.29 0.12 19.76
C LEU A 14 31.30 0.75 18.82
N TRP A 15 32.53 0.23 18.89
CA TRP A 15 33.68 0.75 18.12
C TRP A 15 33.67 0.18 16.70
N GLU A 16 33.12 -1.00 16.52
CA GLU A 16 33.24 -1.79 15.28
C GLU A 16 32.01 -2.67 15.11
N GLU A 17 31.60 -2.94 13.88
CA GLU A 17 30.53 -3.93 13.65
C GLU A 17 30.93 -5.31 14.17
N LYS A 18 29.95 -6.11 14.53
CA LYS A 18 30.06 -7.55 14.85
C LYS A 18 31.03 -7.77 16.02
N LYS A 19 31.15 -6.83 16.95
CA LYS A 19 31.98 -6.91 18.18
C LYS A 19 31.06 -6.71 19.39
N PRO A 20 31.44 -7.22 20.57
CA PRO A 20 30.77 -6.86 21.81
C PRO A 20 30.89 -5.35 22.03
N PHE A 21 29.92 -4.83 22.76
CA PHE A 21 30.00 -3.45 23.23
C PHE A 21 31.13 -3.36 24.25
N SER A 22 31.72 -2.20 24.35
CA SER A 22 32.75 -1.87 25.34
C SER A 22 32.16 -0.98 26.41
N ILE A 23 32.05 -1.45 27.65
CA ILE A 23 31.50 -0.65 28.77
C ILE A 23 32.67 0.13 29.31
N GLU A 24 32.69 1.43 29.08
CA GLU A 24 33.85 2.27 29.45
C GLU A 24 33.42 3.72 29.62
N GLU A 25 34.31 4.50 30.20
CA GLU A 25 34.02 5.90 30.57
C GLU A 25 33.90 6.72 29.28
N VAL A 26 32.87 7.56 29.25
CA VAL A 26 32.73 8.58 28.18
C VAL A 26 32.58 9.95 28.86
N GLU A 27 32.78 11.03 28.10
CA GLU A 27 32.45 12.40 28.55
C GLU A 27 31.16 12.82 27.85
N VAL A 28 30.22 13.28 28.64
CA VAL A 28 28.91 13.78 28.13
C VAL A 28 28.90 15.29 28.34
N ALA A 29 28.89 16.06 27.26
CA ALA A 29 28.91 17.53 27.31
C ALA A 29 27.60 18.01 27.90
N PRO A 30 27.55 19.20 28.50
CA PRO A 30 26.28 19.75 28.93
C PRO A 30 25.39 20.14 27.75
N PRO A 31 24.06 20.24 28.00
CA PRO A 31 23.11 20.54 26.93
C PRO A 31 23.27 21.97 26.43
N LYS A 32 23.25 22.12 25.10
CA LYS A 32 23.20 23.46 24.44
C LYS A 32 21.75 23.91 24.38
N ALA A 33 21.49 25.03 23.72
CA ALA A 33 20.12 25.56 23.62
C ALA A 33 19.17 24.46 23.13
N HIS A 34 18.03 24.34 23.75
CA HIS A 34 16.94 23.41 23.33
C HIS A 34 17.40 21.95 23.36
N GLU A 35 18.35 21.63 24.25
CA GLU A 35 18.83 20.24 24.52
C GLU A 35 18.54 19.90 25.96
N VAL A 36 18.50 18.59 26.22
CA VAL A 36 18.12 18.03 27.52
C VAL A 36 19.12 16.95 27.84
N ARG A 37 19.71 16.98 29.04
CA ARG A 37 20.59 15.90 29.48
C ARG A 37 19.88 15.02 30.51
N ILE A 38 19.89 13.73 30.24
CA ILE A 38 19.04 12.74 30.97
C ILE A 38 19.92 11.71 31.68
N LYS A 39 19.65 11.48 32.96
CA LYS A 39 20.17 10.35 33.73
C LYS A 39 19.29 9.13 33.39
N MET A 40 19.88 8.16 32.73
CA MET A 40 19.11 6.99 32.30
CA MET A 40 19.14 6.96 32.28
C MET A 40 18.82 6.09 33.51
N VAL A 41 17.63 5.53 33.54
CA VAL A 41 17.23 4.58 34.60
C VAL A 41 17.03 3.20 34.03
N ALA A 42 16.42 3.03 32.86
CA ALA A 42 16.24 1.67 32.30
C ALA A 42 16.27 1.78 30.78
N THR A 43 16.74 0.75 30.12
CA THR A 43 16.71 0.67 28.63
C THR A 43 16.51 -0.77 28.22
N GLY A 44 15.69 -0.94 27.18
CA GLY A 44 15.43 -2.24 26.59
C GLY A 44 16.41 -2.61 25.51
N ILE A 45 16.57 -3.90 25.28
CA ILE A 45 17.41 -4.36 24.14
C ILE A 45 16.43 -4.72 23.01
N CYS A 46 16.40 -3.89 21.94
CA CYS A 46 15.56 -4.04 20.75
C CYS A 46 16.39 -4.70 19.64
N ARG A 47 15.74 -5.50 18.81
CA ARG A 47 16.47 -6.10 17.68
C ARG A 47 17.15 -5.02 16.82
N SER A 48 16.54 -3.86 16.70
CA SER A 48 17.17 -2.80 15.89
C SER A 48 18.59 -2.50 16.39
N ASP A 49 18.81 -2.52 17.73
CA ASP A 49 20.16 -2.20 18.25
C ASP A 49 21.11 -3.34 17.81
N ASP A 50 20.62 -4.58 17.82
CA ASP A 50 21.41 -5.75 17.32
C ASP A 50 21.69 -5.54 15.84
N GLN A 51 20.72 -5.04 15.08
CA GLN A 51 20.91 -4.84 13.63
C GLN A 51 22.04 -3.83 13.44
N VAL A 52 22.26 -2.83 14.30
CA VAL A 52 23.42 -1.91 14.22
C VAL A 52 24.69 -2.75 14.34
N VAL A 53 24.74 -3.63 15.33
CA VAL A 53 25.95 -4.48 15.53
C VAL A 53 26.17 -5.32 14.26
N SER A 54 25.14 -5.92 13.71
CA SER A 54 25.22 -6.80 12.52
C SER A 54 25.66 -6.02 11.29
N GLY A 55 25.47 -4.70 11.23
CA GLY A 55 25.68 -3.85 10.05
C GLY A 55 24.52 -3.90 9.07
N THR A 56 23.40 -4.49 9.44
CA THR A 56 22.20 -4.54 8.54
C THR A 56 21.32 -3.30 8.70
N LEU A 57 21.37 -2.66 9.86
CA LEU A 57 20.86 -1.30 10.04
C LEU A 57 22.07 -0.38 10.14
N VAL A 58 22.28 0.42 9.13
CA VAL A 58 23.51 1.23 9.01
C VAL A 58 23.34 2.56 9.71
N THR A 59 24.32 2.88 10.55
CA THR A 59 24.46 4.21 11.15
C THR A 59 25.94 4.41 11.40
N PRO A 60 26.43 5.67 11.35
CA PRO A 60 27.87 5.88 11.56
C PRO A 60 28.42 5.30 12.86
N LEU A 61 29.55 4.65 12.77
CA LEU A 61 30.32 4.12 13.93
C LEU A 61 31.59 4.94 14.10
N PRO A 62 32.19 5.01 15.29
CA PRO A 62 31.72 4.36 16.51
C PRO A 62 30.47 5.09 17.03
N VAL A 63 29.67 4.36 17.81
CA VAL A 63 28.32 4.86 18.21
C VAL A 63 27.99 4.40 19.63
N ILE A 64 27.18 5.22 20.27
CA ILE A 64 26.41 4.80 21.48
C ILE A 64 24.98 4.49 20.99
N ALA A 65 24.63 3.23 20.96
CA ALA A 65 23.34 2.75 20.47
C ALA A 65 22.37 2.83 21.64
N GLY A 66 21.21 2.19 21.48
CA GLY A 66 20.12 2.25 22.47
C GLY A 66 19.14 3.33 22.09
N HIS A 67 17.87 2.95 22.01
CA HIS A 67 16.81 3.90 21.67
C HIS A 67 15.53 3.68 22.45
N GLU A 68 15.38 2.60 23.24
CA GLU A 68 14.13 2.21 23.98
C GLU A 68 14.44 2.41 25.45
N ALA A 69 14.04 3.52 26.06
CA ALA A 69 14.58 3.82 27.40
C ALA A 69 13.68 4.80 28.14
N ALA A 70 13.99 4.95 29.41
CA ALA A 70 13.41 6.02 30.24
C ALA A 70 14.42 6.48 31.26
N GLY A 71 14.29 7.73 31.64
CA GLY A 71 15.19 8.26 32.64
C GLY A 71 14.63 9.53 33.27
N ILE A 72 15.51 10.28 33.94
CA ILE A 72 15.15 11.48 34.75
C ILE A 72 16.01 12.65 34.25
N VAL A 73 15.42 13.79 33.92
CA VAL A 73 16.18 14.98 33.44
C VAL A 73 17.19 15.41 34.50
N GLU A 74 18.43 15.51 34.10
CA GLU A 74 19.52 16.04 34.97
C GLU A 74 19.62 17.55 34.76
N SER A 75 19.53 18.07 33.54
CA SER A 75 19.62 19.52 33.30
C SER A 75 19.00 19.85 31.96
N ILE A 76 18.60 21.09 31.76
CA ILE A 76 18.02 21.56 30.48
C ILE A 76 18.89 22.70 29.96
N GLY A 77 19.03 22.79 28.63
CA GLY A 77 19.74 23.90 27.99
C GLY A 77 18.81 25.10 27.89
N GLU A 78 19.38 26.24 27.48
CA GLU A 78 18.63 27.50 27.29
C GLU A 78 17.42 27.24 26.40
N GLY A 79 16.26 27.74 26.82
CA GLY A 79 15.08 27.87 25.96
C GLY A 79 14.23 26.63 26.00
N VAL A 80 14.64 25.60 26.74
CA VAL A 80 13.77 24.40 26.93
C VAL A 80 12.51 24.74 27.74
N THR A 81 11.34 24.34 27.27
CA THR A 81 10.04 24.69 27.88
C THR A 81 9.22 23.46 28.25
N THR A 82 9.51 22.27 27.69
CA THR A 82 8.60 21.09 27.76
C THR A 82 9.05 20.08 28.81
N VAL A 83 10.23 20.19 29.37
CA VAL A 83 10.63 19.34 30.52
C VAL A 83 11.44 20.21 31.48
N ARG A 84 11.61 19.72 32.68
CA ARG A 84 12.47 20.36 33.69
C ARG A 84 13.31 19.32 34.42
N PRO A 85 14.40 19.74 35.09
CA PRO A 85 15.19 18.84 35.91
C PRO A 85 14.28 18.10 36.89
N GLY A 86 14.53 16.79 37.00
CA GLY A 86 13.79 15.89 37.89
C GLY A 86 12.59 15.26 37.21
N ASP A 87 12.21 15.72 36.02
CA ASP A 87 11.08 15.08 35.30
C ASP A 87 11.50 13.67 34.83
N LYS A 88 10.54 12.75 34.84
CA LYS A 88 10.65 11.43 34.17
C LYS A 88 10.35 11.65 32.70
N VAL A 89 11.23 11.07 31.87
CA VAL A 89 11.16 11.29 30.40
C VAL A 89 11.44 10.00 29.67
N ILE A 90 10.85 9.91 28.47
CA ILE A 90 11.20 8.89 27.45
C ILE A 90 11.78 9.60 26.24
N PRO A 91 13.02 9.22 25.85
CA PRO A 91 13.62 9.71 24.61
C PRO A 91 12.82 9.21 23.41
N LEU A 92 12.73 10.05 22.39
CA LEU A 92 11.90 9.78 21.20
C LEU A 92 12.84 9.58 20.00
N PHE A 93 12.97 8.34 19.56
CA PHE A 93 13.87 8.05 18.41
C PHE A 93 13.29 8.59 17.11
N THR A 94 11.97 8.76 17.04
CA THR A 94 11.28 9.51 15.99
C THR A 94 10.89 10.84 16.65
N PRO A 95 11.49 11.98 16.25
CA PRO A 95 11.21 13.25 16.90
C PRO A 95 9.81 13.74 16.53
N GLN A 96 9.36 14.78 17.23
CA GLN A 96 8.12 15.50 16.84
C GLN A 96 8.39 16.99 16.98
N CYS A 97 8.88 17.60 15.91
CA CYS A 97 9.21 19.04 15.94
C CYS A 97 7.96 19.92 16.02
N GLY A 98 6.81 19.42 15.55
CA GLY A 98 5.52 20.13 15.61
C GLY A 98 5.40 21.21 14.56
N LYS A 99 6.40 21.41 13.71
CA LYS A 99 6.46 22.58 12.76
C LYS A 99 6.51 22.14 11.29
N CYS A 100 6.96 20.92 10.99
CA CYS A 100 7.21 20.48 9.61
C CYS A 100 5.90 20.01 8.98
N ARG A 101 5.89 19.78 7.65
CA ARG A 101 4.64 19.40 6.97
C ARG A 101 4.09 18.07 7.51
N VAL A 102 4.99 17.19 7.92
CA VAL A 102 4.60 15.87 8.46
C VAL A 102 4.01 16.02 9.83
N CYS A 103 4.66 16.74 10.72
CA CYS A 103 4.08 16.95 12.05
C CYS A 103 2.73 17.64 11.95
N LYS A 104 2.51 18.49 10.95
CA LYS A 104 1.19 19.19 10.82
C LYS A 104 0.13 18.30 10.16
N HIS A 105 0.51 17.21 9.54
CA HIS A 105 -0.43 16.35 8.82
C HIS A 105 -1.15 15.47 9.81
N PRO A 106 -2.46 15.23 9.67
CA PRO A 106 -3.20 14.44 10.66
C PRO A 106 -2.72 12.99 10.78
N GLU A 107 -2.13 12.42 9.74
CA GLU A 107 -1.73 10.99 9.74
CA GLU A 107 -1.71 10.99 9.70
C GLU A 107 -0.22 10.90 10.03
C GLU A 107 -0.21 10.80 9.57
N GLY A 108 0.57 11.79 9.47
N GLY A 108 0.60 11.85 9.56
CA GLY A 108 2.05 11.63 9.47
C GLY A 108 2.73 11.64 10.83
N ASN A 109 3.77 10.81 10.98
CA ASN A 109 4.59 10.81 12.23
C ASN A 109 6.09 10.89 11.89
N PHE A 110 6.51 10.67 10.66
CA PHE A 110 7.95 10.54 10.36
C PHE A 110 8.47 11.94 10.16
N CYS A 111 8.58 12.64 11.28
CA CYS A 111 9.01 14.06 11.33
C CYS A 111 10.28 14.27 10.46
N LEU A 112 10.32 15.37 9.70
CA LEU A 112 11.46 15.67 8.78
C LEU A 112 12.77 15.98 9.54
N LYS A 113 12.72 16.10 10.88
CA LYS A 113 14.00 16.27 11.65
C LYS A 113 14.61 14.94 12.06
N ASN A 114 14.00 13.83 11.70
CA ASN A 114 14.48 12.49 12.04
C ASN A 114 15.93 12.27 11.57
N ASP A 115 16.61 11.39 12.27
CA ASP A 115 17.99 10.95 11.87
C ASP A 115 17.90 9.50 11.38
N LEU A 116 16.75 9.05 10.85
CA LEU A 116 16.56 7.66 10.41
C LEU A 116 16.82 7.52 8.91
N SER A 117 16.30 8.43 8.09
CA SER A 117 16.33 8.23 6.62
CA SER A 117 16.34 8.31 6.60
C SER A 117 17.77 8.37 6.09
N MET A 118 18.55 9.31 6.58
CA MET A 118 19.92 9.60 6.07
CA MET A 118 19.95 9.50 6.07
C MET A 118 20.84 9.79 7.28
N PRO A 119 21.12 8.73 8.06
CA PRO A 119 21.63 8.90 9.41
C PRO A 119 22.98 9.60 9.45
N ARG A 120 23.06 10.66 10.24
CA ARG A 120 24.32 11.38 10.52
C ARG A 120 24.91 10.89 11.84
N GLY A 121 24.12 10.42 12.79
CA GLY A 121 24.59 10.09 14.14
C GLY A 121 25.06 11.30 14.91
N THR A 122 24.30 12.38 14.88
CA THR A 122 24.63 13.64 15.55
C THR A 122 23.38 14.12 16.30
N MET A 123 23.56 15.19 17.05
CA MET A 123 22.47 16.08 17.49
C MET A 123 21.89 16.85 16.28
N GLN A 124 20.76 17.55 16.49
CA GLN A 124 20.20 18.39 15.39
C GLN A 124 21.26 19.35 14.85
N ASP A 125 22.17 19.87 15.68
CA ASP A 125 23.15 20.86 15.16
C ASP A 125 24.31 20.20 14.41
N GLY A 126 24.31 18.90 14.15
CA GLY A 126 25.34 18.19 13.36
C GLY A 126 26.63 17.94 14.14
N THR A 127 26.56 18.03 15.47
CA THR A 127 27.71 17.73 16.35
C THR A 127 27.33 16.66 17.36
N SER A 128 28.35 16.18 18.05
CA SER A 128 28.23 15.10 19.06
C SER A 128 28.46 15.66 20.45
N ARG A 129 27.75 15.13 21.44
CA ARG A 129 27.93 15.45 22.87
C ARG A 129 28.83 14.43 23.56
N PHE A 130 29.34 13.41 22.87
CA PHE A 130 30.03 12.24 23.45
C PHE A 130 31.49 12.20 22.97
N THR A 131 32.39 12.01 23.92
CA THR A 131 33.82 11.77 23.71
C THR A 131 34.18 10.48 24.46
N CYS A 132 35.05 9.68 23.90
CA CYS A 132 35.53 8.44 24.55
C CYS A 132 36.98 8.24 24.11
N ARG A 133 37.90 8.14 25.07
CA ARG A 133 39.35 8.06 24.77
C ARG A 133 39.80 9.29 23.98
N GLY A 134 39.16 10.43 24.20
CA GLY A 134 39.42 11.70 23.50
C GLY A 134 38.85 11.71 22.09
N LYS A 135 38.11 10.68 21.65
CA LYS A 135 37.58 10.62 20.26
C LYS A 135 36.08 10.91 20.28
N PRO A 136 35.55 11.67 19.30
CA PRO A 136 34.09 11.88 19.21
C PRO A 136 33.39 10.55 18.88
N ILE A 137 32.23 10.35 19.52
CA ILE A 137 31.41 9.14 19.32
C ILE A 137 30.05 9.60 18.78
N HIS A 138 29.53 8.86 17.81
CA HIS A 138 28.22 9.16 17.19
CA HIS A 138 28.24 9.24 17.22
C HIS A 138 27.10 8.91 18.19
N HIS A 139 26.03 9.65 18.01
CA HIS A 139 24.70 9.38 18.59
C HIS A 139 24.00 8.35 17.69
N PHE A 140 22.88 7.86 18.15
CA PHE A 140 22.03 6.94 17.39
C PHE A 140 20.58 7.40 17.50
N LEU A 141 19.99 7.74 16.36
CA LEU A 141 18.57 8.16 16.20
C LEU A 141 18.30 9.31 17.16
N GLY A 142 19.28 10.18 17.50
CA GLY A 142 19.02 11.30 18.41
C GLY A 142 18.70 10.84 19.80
N THR A 143 19.05 9.62 20.18
CA THR A 143 18.70 9.11 21.54
C THR A 143 19.97 8.63 22.24
N SER A 144 20.57 7.52 21.88
CA SER A 144 21.81 7.00 22.50
C SER A 144 21.54 6.70 23.96
N THR A 145 20.83 5.63 24.23
CA THR A 145 20.32 5.34 25.59
C THR A 145 21.22 4.35 26.29
N PHE A 146 22.20 3.72 25.62
CA PHE A 146 23.15 2.78 26.29
C PHE A 146 24.24 3.59 26.97
N SER A 147 23.85 4.47 27.87
CA SER A 147 24.80 5.38 28.55
C SER A 147 24.14 5.79 29.84
N GLN A 148 24.93 5.96 30.90
CA GLN A 148 24.34 6.46 32.17
C GLN A 148 23.75 7.86 32.00
N TYR A 149 24.29 8.67 31.06
CA TYR A 149 23.75 9.99 30.72
C TYR A 149 23.77 10.16 29.21
N THR A 150 22.70 10.70 28.68
CA THR A 150 22.69 11.11 27.26
C THR A 150 22.21 12.55 27.16
N VAL A 151 22.42 13.14 25.98
CA VAL A 151 21.87 14.46 25.63
C VAL A 151 20.98 14.29 24.41
N VAL A 152 19.76 14.78 24.49
CA VAL A 152 18.86 14.76 23.33
C VAL A 152 18.36 16.15 23.00
N ASP A 153 17.97 16.35 21.77
CA ASP A 153 17.24 17.56 21.38
C ASP A 153 15.88 17.57 22.06
N GLU A 154 15.32 18.75 22.35
CA GLU A 154 13.99 18.83 22.99
C GLU A 154 12.89 18.13 22.19
N ILE A 155 12.94 18.20 20.87
CA ILE A 155 11.89 17.56 20.02
C ILE A 155 12.02 16.04 20.10
N SER A 156 13.09 15.51 20.73
CA SER A 156 13.30 14.05 20.90
C SER A 156 13.10 13.60 22.35
N VAL A 157 12.32 14.31 23.14
CA VAL A 157 12.02 13.82 24.51
C VAL A 157 10.62 14.19 24.90
N ALA A 158 9.98 13.29 25.62
CA ALA A 158 8.65 13.57 26.19
C ALA A 158 8.69 13.40 27.70
N LYS A 159 8.07 14.36 28.39
CA LYS A 159 7.71 14.22 29.82
C LYS A 159 6.60 13.19 30.04
N ILE A 160 6.78 12.31 31.03
CA ILE A 160 5.77 11.30 31.39
C ILE A 160 5.40 11.43 32.87
N ASP A 161 4.41 10.67 33.26
CA ASP A 161 3.81 10.64 34.63
CA ASP A 161 3.82 10.72 34.62
C ASP A 161 4.94 10.53 35.66
N ALA A 162 4.95 11.40 36.67
CA ALA A 162 6.03 11.40 37.69
C ALA A 162 6.05 10.09 38.50
N ALA A 163 4.95 9.37 38.55
CA ALA A 163 4.80 8.09 39.29
C ALA A 163 5.05 6.86 38.38
N SER A 164 5.51 7.05 37.13
CA SER A 164 5.73 5.96 36.15
C SER A 164 6.80 5.00 36.64
N PRO A 165 6.64 3.66 36.50
CA PRO A 165 7.72 2.73 36.77
C PRO A 165 8.62 2.66 35.53
N LEU A 166 9.77 3.29 35.60
CA LEU A 166 10.62 3.45 34.39
C LEU A 166 11.15 2.12 33.88
N GLU A 167 11.28 1.12 34.75
CA GLU A 167 11.82 -0.19 34.32
C GLU A 167 10.78 -0.95 33.48
N LYS A 168 9.54 -0.49 33.43
CA LYS A 168 8.51 -1.06 32.53
C LYS A 168 8.24 -0.10 31.38
N VAL A 169 8.05 1.19 31.64
CA VAL A 169 7.53 2.11 30.59
C VAL A 169 8.61 2.44 29.56
N CYS A 170 9.85 2.08 29.80
CA CYS A 170 10.86 2.22 28.74
C CYS A 170 10.38 1.54 27.47
N LEU A 171 9.59 0.48 27.53
CA LEU A 171 9.15 -0.24 26.32
C LEU A 171 8.22 0.62 25.46
N ILE A 172 7.54 1.62 26.08
CA ILE A 172 6.70 2.58 25.32
C ILE A 172 7.60 3.40 24.41
N GLY A 173 8.91 3.47 24.71
CA GLY A 173 9.83 4.18 23.82
C GLY A 173 10.14 3.41 22.54
N CYS A 174 9.82 2.13 22.41
CA CYS A 174 9.96 1.50 21.06
C CYS A 174 9.03 0.31 20.89
N GLY A 175 9.31 -0.82 21.52
CA GLY A 175 8.69 -2.09 21.09
C GLY A 175 7.21 -2.09 21.19
N PHE A 176 6.68 -1.78 22.39
CA PHE A 176 5.22 -1.84 22.67
C PHE A 176 4.50 -0.90 21.72
N SER A 177 4.90 0.36 21.68
CA SER A 177 4.19 1.42 20.90
C SER A 177 4.24 1.06 19.44
N THR A 178 5.37 0.56 18.99
CA THR A 178 5.50 0.23 17.55
C THR A 178 4.53 -0.89 17.19
N GLY A 179 4.52 -1.98 17.92
CA GLY A 179 3.66 -3.09 17.52
C GLY A 179 2.18 -2.74 17.71
N TYR A 180 1.87 -2.18 18.86
CA TYR A 180 0.46 -1.86 19.19
C TYR A 180 -0.10 -0.90 18.16
N GLY A 181 0.57 0.20 17.91
CA GLY A 181 0.14 1.20 16.92
C GLY A 181 0.13 0.66 15.52
N SER A 182 1.02 -0.28 15.16
CA SER A 182 0.99 -0.87 13.81
C SER A 182 -0.37 -1.52 13.58
N ALA A 183 -0.92 -2.17 14.60
CA ALA A 183 -2.26 -2.84 14.58
C ALA A 183 -3.39 -1.82 14.67
N VAL A 184 -3.36 -0.95 15.67
CA VAL A 184 -4.58 -0.14 15.97
C VAL A 184 -4.64 1.11 15.11
N LYS A 185 -3.53 1.72 14.77
CA LYS A 185 -3.47 3.01 14.06
C LYS A 185 -3.16 2.82 12.59
N VAL A 186 -2.15 2.01 12.23
CA VAL A 186 -1.66 1.94 10.83
C VAL A 186 -2.55 0.98 10.04
N ALA A 187 -2.67 -0.29 10.48
CA ALA A 187 -3.56 -1.25 9.82
C ALA A 187 -5.02 -0.86 10.10
N LYS A 188 -5.37 -0.38 11.30
CA LYS A 188 -6.77 -0.15 11.76
C LYS A 188 -7.49 -1.48 11.66
N VAL A 189 -6.96 -2.47 12.36
CA VAL A 189 -7.60 -3.81 12.50
C VAL A 189 -9.05 -3.63 12.98
N THR A 190 -9.96 -4.37 12.35
CA THR A 190 -11.41 -4.33 12.64
C THR A 190 -11.90 -5.50 13.50
N GLN A 191 -13.03 -5.27 14.18
CA GLN A 191 -13.64 -6.35 14.97
C GLN A 191 -13.98 -7.53 14.05
N GLY A 192 -13.65 -8.72 14.49
CA GLY A 192 -14.05 -9.98 13.84
C GLY A 192 -13.14 -10.37 12.70
N SER A 193 -12.04 -9.63 12.48
CA SER A 193 -11.10 -9.85 11.34
C SER A 193 -10.12 -10.96 11.66
N THR A 194 -9.42 -11.44 10.63
CA THR A 194 -8.38 -12.47 10.74
C THR A 194 -7.06 -11.78 10.42
N CYS A 195 -6.12 -11.88 11.34
CA CYS A 195 -4.79 -11.23 11.29
C CYS A 195 -3.73 -12.31 11.22
N ALA A 196 -2.64 -12.06 10.50
CA ALA A 196 -1.42 -12.88 10.54
C ALA A 196 -0.27 -12.01 10.97
N VAL A 197 0.53 -12.46 11.91
CA VAL A 197 1.66 -11.69 12.49
C VAL A 197 2.93 -12.49 12.23
N PHE A 198 3.82 -12.01 11.39
CA PHE A 198 5.09 -12.71 11.13
C PHE A 198 6.16 -12.16 12.05
N GLY A 199 6.63 -13.03 12.96
CA GLY A 199 7.65 -12.61 13.95
C GLY A 199 7.00 -12.40 15.29
N LEU A 200 7.41 -13.19 16.28
CA LEU A 200 6.78 -13.19 17.62
C LEU A 200 7.79 -12.74 18.66
N GLY A 201 8.60 -11.76 18.38
CA GLY A 201 9.41 -11.07 19.36
C GLY A 201 8.67 -10.00 20.07
N GLY A 202 9.38 -9.11 20.73
CA GLY A 202 8.70 -8.06 21.51
C GLY A 202 7.77 -7.19 20.67
N VAL A 203 8.17 -6.87 19.46
CA VAL A 203 7.36 -6.02 18.57
C VAL A 203 6.18 -6.87 18.06
N GLY A 204 6.37 -8.09 17.56
CA GLY A 204 5.25 -8.92 17.09
C GLY A 204 4.23 -9.22 18.19
N LEU A 205 4.71 -9.43 19.39
CA LEU A 205 3.78 -9.66 20.52
C LEU A 205 2.92 -8.43 20.77
N SER A 206 3.49 -7.24 20.63
CA SER A 206 2.76 -5.97 20.78
C SER A 206 1.76 -5.77 19.63
N VAL A 207 2.10 -6.22 18.41
CA VAL A 207 1.08 -6.27 17.32
C VAL A 207 -0.06 -7.19 17.72
N ILE A 208 0.20 -8.37 18.29
CA ILE A 208 -0.91 -9.28 18.70
C ILE A 208 -1.71 -8.58 19.78
N MET A 209 -1.08 -7.92 20.74
CA MET A 209 -1.85 -7.16 21.76
C MET A 209 -2.78 -6.17 21.08
N GLY A 210 -2.30 -5.43 20.09
CA GLY A 210 -3.11 -4.44 19.36
C GLY A 210 -4.22 -5.11 18.57
N CYS A 211 -3.93 -6.20 17.89
CA CYS A 211 -4.97 -6.90 17.13
C CYS A 211 -6.07 -7.43 18.08
N LYS A 212 -5.74 -7.94 19.25
CA LYS A 212 -6.69 -8.45 20.25
C LYS A 212 -7.49 -7.27 20.82
N ALA A 213 -6.85 -6.16 21.12
CA ALA A 213 -7.53 -4.93 21.58
C ALA A 213 -8.55 -4.44 20.56
N ALA A 214 -8.28 -4.55 19.27
CA ALA A 214 -9.16 -4.09 18.20
C ALA A 214 -10.27 -5.12 17.96
N GLY A 215 -10.26 -6.27 18.60
CA GLY A 215 -11.37 -7.22 18.48
C GLY A 215 -11.22 -8.22 17.35
N ALA A 216 -10.01 -8.47 16.82
CA ALA A 216 -9.84 -9.54 15.82
C ALA A 216 -10.37 -10.85 16.34
N ALA A 217 -11.00 -11.63 15.48
CA ALA A 217 -11.51 -12.96 15.90
C ALA A 217 -10.38 -14.00 15.84
N ARG A 218 -9.49 -13.88 14.88
CA ARG A 218 -8.37 -14.84 14.67
C ARG A 218 -7.07 -14.05 14.53
N ILE A 219 -6.03 -14.51 15.20
CA ILE A 219 -4.70 -13.90 15.20
C ILE A 219 -3.71 -15.03 15.07
N ILE A 220 -3.16 -15.20 13.90
CA ILE A 220 -2.30 -16.34 13.57
C ILE A 220 -0.87 -15.84 13.71
N GLY A 221 -0.13 -16.36 14.67
CA GLY A 221 1.28 -16.04 14.86
C GLY A 221 2.17 -16.90 13.95
N VAL A 222 3.19 -16.34 13.37
CA VAL A 222 4.05 -17.08 12.42
C VAL A 222 5.47 -16.90 12.92
N ASP A 223 6.17 -17.98 13.25
CA ASP A 223 7.58 -17.86 13.65
C ASP A 223 8.28 -19.17 13.32
N ILE A 224 9.55 -19.13 12.97
CA ILE A 224 10.37 -20.36 12.76
C ILE A 224 10.84 -20.88 14.11
N ASN A 225 10.77 -20.12 15.17
CA ASN A 225 11.10 -20.59 16.54
C ASN A 225 9.83 -20.93 17.31
N LYS A 226 9.47 -22.24 17.43
CA LYS A 226 8.21 -22.64 18.12
C LYS A 226 8.26 -22.28 19.61
N ASP A 227 9.44 -22.03 20.20
CA ASP A 227 9.54 -21.61 21.60
C ASP A 227 8.76 -20.30 21.81
N LYS A 228 8.49 -19.54 20.74
CA LYS A 228 7.85 -18.20 20.85
C LYS A 228 6.32 -18.36 20.91
N PHE A 229 5.81 -19.56 20.69
CA PHE A 229 4.35 -19.71 20.49
C PHE A 229 3.57 -19.55 21.78
N ALA A 230 4.10 -20.08 22.90
CA ALA A 230 3.35 -20.07 24.15
C ALA A 230 3.02 -18.62 24.56
N LYS A 231 4.02 -17.73 24.56
CA LYS A 231 3.76 -16.33 24.94
C LYS A 231 2.86 -15.66 23.91
N ALA A 232 2.99 -15.99 22.63
CA ALA A 232 2.11 -15.36 21.62
C ALA A 232 0.65 -15.71 21.93
N LYS A 233 0.39 -16.96 22.31
CA LYS A 233 -0.99 -17.37 22.66
C LYS A 233 -1.42 -16.66 23.95
N GLU A 234 -0.50 -16.46 24.89
CA GLU A 234 -0.89 -15.79 26.18
C GLU A 234 -1.41 -14.37 25.89
N VAL A 235 -0.83 -13.66 24.91
CA VAL A 235 -1.25 -12.26 24.67
C VAL A 235 -2.30 -12.15 23.56
N GLY A 236 -2.76 -13.27 22.99
CA GLY A 236 -3.93 -13.24 22.13
C GLY A 236 -3.82 -14.01 20.82
N ALA A 237 -2.72 -14.66 20.47
CA ALA A 237 -2.70 -15.48 19.22
C ALA A 237 -3.72 -16.59 19.42
N THR A 238 -4.52 -16.87 18.41
CA THR A 238 -5.47 -18.00 18.47
C THR A 238 -4.86 -19.28 17.94
N GLU A 239 -3.79 -19.20 17.17
CA GLU A 239 -3.09 -20.36 16.60
CA GLU A 239 -3.17 -20.31 16.39
C GLU A 239 -1.73 -19.85 16.18
N CYS A 240 -0.75 -20.73 16.13
CA CYS A 240 0.62 -20.41 15.70
C CYS A 240 1.07 -21.43 14.68
N VAL A 241 1.85 -20.99 13.71
CA VAL A 241 2.36 -21.86 12.62
C VAL A 241 3.84 -21.60 12.44
N ASN A 242 4.58 -22.66 12.22
CA ASN A 242 6.02 -22.61 11.92
C ASN A 242 6.19 -22.97 10.45
N PRO A 243 6.63 -22.04 9.57
CA PRO A 243 6.82 -22.36 8.14
C PRO A 243 7.66 -23.61 7.89
N GLN A 244 8.58 -23.92 8.79
CA GLN A 244 9.51 -25.07 8.66
C GLN A 244 8.71 -26.37 8.71
N ASP A 245 7.50 -26.36 9.22
CA ASP A 245 6.69 -27.59 9.38
C ASP A 245 6.04 -27.98 8.06
N TYR A 246 5.99 -27.10 7.07
CA TYR A 246 5.13 -27.27 5.88
C TYR A 246 5.97 -27.50 4.63
N LYS A 247 5.43 -28.30 3.75
CA LYS A 247 6.01 -28.48 2.40
C LYS A 247 5.69 -27.27 1.52
N LYS A 248 4.56 -26.64 1.71
CA LYS A 248 4.13 -25.55 0.82
C LYS A 248 4.61 -24.25 1.41
N PRO A 249 4.70 -23.19 0.61
CA PRO A 249 5.05 -21.87 1.12
C PRO A 249 3.98 -21.40 2.12
N ILE A 250 4.39 -20.64 3.11
CA ILE A 250 3.46 -20.29 4.20
C ILE A 250 2.37 -19.33 3.68
N GLN A 251 2.61 -18.56 2.62
CA GLN A 251 1.50 -17.73 2.09
C GLN A 251 0.36 -18.63 1.63
N GLU A 252 0.63 -19.78 1.04
CA GLU A 252 -0.42 -20.72 0.58
C GLU A 252 -1.11 -21.36 1.78
N VAL A 253 -0.33 -21.70 2.78
CA VAL A 253 -0.89 -22.24 4.05
C VAL A 253 -1.85 -21.24 4.70
N LEU A 254 -1.41 -19.98 4.82
CA LEU A 254 -2.25 -18.96 5.47
C LEU A 254 -3.47 -18.61 4.64
N THR A 255 -3.33 -18.63 3.32
CA THR A 255 -4.50 -18.42 2.44
C THR A 255 -5.52 -19.53 2.65
N GLU A 256 -5.09 -20.79 2.74
CA GLU A 256 -5.98 -21.94 3.02
CA GLU A 256 -6.02 -21.91 2.99
C GLU A 256 -6.65 -21.76 4.39
N MET A 257 -5.86 -21.42 5.39
CA MET A 257 -6.35 -21.38 6.77
C MET A 257 -7.45 -20.33 6.93
N SER A 258 -7.31 -19.25 6.17
CA SER A 258 -8.20 -18.07 6.25
C SER A 258 -9.28 -18.12 5.17
N ASN A 259 -9.47 -19.28 4.53
CA ASN A 259 -10.49 -19.48 3.48
C ASN A 259 -10.39 -18.35 2.43
N GLY A 260 -9.17 -18.06 1.97
CA GLY A 260 -8.98 -17.15 0.81
C GLY A 260 -8.13 -15.94 1.11
N GLY A 261 -7.50 -15.84 2.27
CA GLY A 261 -6.54 -14.78 2.57
C GLY A 261 -6.95 -14.05 3.82
N VAL A 262 -6.00 -13.48 4.53
CA VAL A 262 -6.29 -12.80 5.82
C VAL A 262 -6.75 -11.34 5.59
N ASP A 263 -7.38 -10.72 6.56
CA ASP A 263 -7.81 -9.31 6.49
C ASP A 263 -6.57 -8.42 6.61
N PHE A 264 -5.73 -8.72 7.59
CA PHE A 264 -4.54 -7.92 7.94
C PHE A 264 -3.30 -8.80 8.12
N SER A 265 -2.18 -8.47 7.53
CA SER A 265 -0.93 -9.17 7.86
C SER A 265 0.10 -8.16 8.28
N PHE A 266 1.10 -8.61 9.04
CA PHE A 266 2.16 -7.76 9.58
C PHE A 266 3.50 -8.45 9.39
N GLU A 267 4.47 -7.79 8.79
CA GLU A 267 5.82 -8.33 8.80
C GLU A 267 6.54 -7.69 9.95
N VAL A 268 6.96 -8.51 10.91
CA VAL A 268 7.60 -8.00 12.14
C VAL A 268 8.90 -8.77 12.37
N ILE A 269 9.70 -8.92 11.32
CA ILE A 269 11.00 -9.66 11.33
C ILE A 269 12.13 -8.80 10.74
N GLY A 270 12.03 -8.34 9.50
CA GLY A 270 13.05 -7.58 8.77
C GLY A 270 13.70 -8.38 7.66
N ARG A 271 12.91 -9.25 7.00
CA ARG A 271 13.45 -9.98 5.83
C ARG A 271 12.65 -9.59 4.58
N LEU A 272 13.34 -9.47 3.45
CA LEU A 272 12.67 -9.18 2.17
C LEU A 272 11.66 -10.30 1.85
N ASP A 273 12.03 -11.57 2.05
CA ASP A 273 11.13 -12.66 1.58
C ASP A 273 9.85 -12.64 2.40
N THR A 274 9.92 -12.45 3.70
CA THR A 274 8.70 -12.44 4.55
C THR A 274 7.86 -11.19 4.32
N MET A 275 8.45 -10.07 3.89
CA MET A 275 7.62 -8.91 3.48
C MET A 275 6.75 -9.28 2.26
N VAL A 276 7.31 -10.00 1.28
CA VAL A 276 6.50 -10.41 0.11
C VAL A 276 5.50 -11.50 0.50
N THR A 277 5.89 -12.49 1.30
CA THR A 277 5.00 -13.57 1.81
C THR A 277 3.85 -12.94 2.59
N ALA A 278 4.13 -11.94 3.44
CA ALA A 278 3.08 -11.33 4.27
C ALA A 278 2.11 -10.56 3.37
N LEU A 279 2.60 -9.86 2.32
CA LEU A 279 1.66 -9.20 1.41
C LEU A 279 0.81 -10.26 0.71
N SER A 280 1.45 -11.32 0.18
CA SER A 280 0.74 -12.34 -0.60
C SER A 280 -0.36 -12.99 0.24
N CYS A 281 -0.17 -13.24 1.52
CA CYS A 281 -1.15 -13.99 2.34
C CYS A 281 -2.42 -13.18 2.69
N CYS A 282 -2.42 -11.85 2.49
CA CYS A 282 -3.65 -11.06 2.71
CA CYS A 282 -3.61 -10.98 2.61
C CYS A 282 -4.57 -11.21 1.48
N GLN A 283 -5.86 -11.07 1.76
CA GLN A 283 -6.89 -11.35 0.74
C GLN A 283 -6.67 -10.37 -0.44
N GLU A 284 -6.76 -10.87 -1.67
CA GLU A 284 -6.20 -10.17 -2.86
C GLU A 284 -7.01 -8.91 -3.21
N ALA A 285 -8.27 -8.86 -2.84
CA ALA A 285 -9.16 -7.74 -3.16
C ALA A 285 -9.19 -6.65 -2.09
N TYR A 286 -9.12 -7.00 -0.81
CA TYR A 286 -9.35 -6.02 0.29
C TYR A 286 -8.37 -6.18 1.46
N GLY A 287 -7.39 -7.05 1.29
CA GLY A 287 -6.39 -7.29 2.34
C GLY A 287 -5.47 -6.08 2.54
N VAL A 288 -4.93 -5.97 3.74
CA VAL A 288 -3.94 -4.92 4.09
C VAL A 288 -2.70 -5.60 4.69
N SER A 289 -1.54 -5.28 4.24
CA SER A 289 -0.26 -5.79 4.80
C SER A 289 0.57 -4.62 5.29
N VAL A 290 1.06 -4.70 6.52
CA VAL A 290 1.91 -3.63 7.12
C VAL A 290 3.34 -4.14 7.33
N ILE A 291 4.34 -3.45 6.80
CA ILE A 291 5.77 -3.75 7.08
C ILE A 291 6.13 -3.00 8.36
N VAL A 292 6.58 -3.75 9.35
CA VAL A 292 7.15 -3.21 10.60
C VAL A 292 8.64 -3.54 10.66
N GLY A 293 9.04 -4.73 10.21
CA GLY A 293 10.44 -5.11 10.35
C GLY A 293 11.39 -4.23 9.53
N VAL A 294 12.63 -4.05 9.97
CA VAL A 294 13.63 -3.20 9.29
C VAL A 294 14.43 -4.10 8.34
N PRO A 295 14.37 -3.78 7.04
CA PRO A 295 15.02 -4.58 6.01
C PRO A 295 16.52 -4.41 6.07
N PRO A 296 17.27 -5.35 5.47
CA PRO A 296 18.72 -5.20 5.41
C PRO A 296 19.09 -4.01 4.50
N ASP A 297 20.06 -3.25 4.95
CA ASP A 297 20.39 -1.94 4.39
C ASP A 297 20.59 -2.04 2.87
N SER A 298 19.92 -1.13 2.17
CA SER A 298 20.11 -0.83 0.73
C SER A 298 19.67 -2.01 -0.12
N GLN A 299 18.99 -3.03 0.37
CA GLN A 299 18.61 -4.17 -0.46
C GLN A 299 17.18 -4.00 -0.97
N ASN A 300 16.95 -4.37 -2.21
CA ASN A 300 15.62 -4.27 -2.83
C ASN A 300 14.94 -5.62 -2.82
N LEU A 301 13.62 -5.62 -2.68
CA LEU A 301 12.82 -6.83 -2.85
C LEU A 301 12.29 -6.86 -4.28
N SER A 302 11.91 -8.05 -4.68
CA SER A 302 11.26 -8.34 -5.97
C SER A 302 9.84 -8.81 -5.69
N MET A 303 8.83 -8.27 -6.40
CA MET A 303 7.44 -8.69 -6.28
C MET A 303 6.68 -8.41 -7.57
N ASN A 304 5.57 -9.11 -7.68
CA ASN A 304 4.64 -8.99 -8.83
C ASN A 304 3.57 -7.98 -8.46
N PRO A 305 3.52 -6.83 -9.16
CA PRO A 305 2.57 -5.77 -8.88
C PRO A 305 1.11 -6.20 -9.11
N MET A 306 0.87 -7.35 -9.76
CA MET A 306 -0.50 -7.92 -9.78
CA MET A 306 -0.51 -7.90 -9.79
C MET A 306 -1.03 -8.18 -8.36
N LEU A 307 -0.14 -8.37 -7.37
CA LEU A 307 -0.61 -8.55 -5.97
C LEU A 307 -1.36 -7.30 -5.50
N LEU A 308 -0.93 -6.13 -5.98
CA LEU A 308 -1.56 -4.85 -5.64
C LEU A 308 -2.74 -4.52 -6.57
N LEU A 309 -2.61 -4.78 -7.85
CA LEU A 309 -3.66 -4.41 -8.83
C LEU A 309 -5.04 -5.00 -8.45
N SER A 310 -5.08 -6.21 -7.88
CA SER A 310 -6.36 -6.85 -7.49
C SER A 310 -7.08 -6.11 -6.37
N GLY A 311 -6.35 -5.31 -5.57
CA GLY A 311 -6.97 -4.50 -4.53
C GLY A 311 -6.19 -4.49 -3.21
N ARG A 312 -5.10 -5.23 -3.05
CA ARG A 312 -4.36 -5.20 -1.76
C ARG A 312 -3.82 -3.79 -1.48
N THR A 313 -3.67 -3.49 -0.20
CA THR A 313 -2.97 -2.30 0.30
C THR A 313 -1.70 -2.74 0.98
N TRP A 314 -0.59 -2.10 0.71
CA TRP A 314 0.74 -2.39 1.30
C TRP A 314 1.19 -1.11 1.96
N LYS A 315 1.54 -1.15 3.22
CA LYS A 315 2.08 0.08 3.81
C LYS A 315 3.12 -0.26 4.87
N GLY A 316 3.89 0.72 5.28
CA GLY A 316 4.81 0.48 6.40
C GLY A 316 4.66 1.59 7.41
N ALA A 317 5.37 1.51 8.52
CA ALA A 317 5.37 2.63 9.48
C ALA A 317 6.55 2.51 10.42
N ILE A 318 6.96 3.65 10.93
CA ILE A 318 7.92 3.81 12.04
C ILE A 318 7.13 4.08 13.32
N PHE A 319 7.46 3.40 14.41
CA PHE A 319 6.96 3.73 15.77
C PHE A 319 5.45 3.64 15.76
N GLY A 320 4.85 2.68 15.05
CA GLY A 320 3.38 2.40 15.13
C GLY A 320 2.54 3.52 14.53
N GLY A 321 3.17 4.43 13.78
CA GLY A 321 2.49 5.60 13.21
C GLY A 321 2.18 6.67 14.26
N PHE A 322 2.61 6.52 15.50
CA PHE A 322 2.30 7.52 16.55
C PHE A 322 3.12 8.80 16.38
N LYS A 323 2.50 9.97 16.44
CA LYS A 323 3.21 11.26 16.64
C LYS A 323 3.85 11.15 18.02
N SER A 324 5.18 11.14 18.07
CA SER A 324 5.88 10.60 19.24
C SER A 324 5.63 11.42 20.51
N LYS A 325 5.77 12.72 20.48
CA LYS A 325 5.75 13.55 21.71
C LYS A 325 4.31 13.68 22.20
N ASP A 326 3.35 13.72 21.30
CA ASP A 326 1.93 13.76 21.72
C ASP A 326 1.57 12.41 22.35
N SER A 327 2.06 11.31 21.74
CA SER A 327 1.51 9.98 22.04
C SER A 327 2.12 9.33 23.29
N VAL A 328 3.45 9.42 23.43
CA VAL A 328 4.14 8.69 24.50
C VAL A 328 3.56 9.02 25.88
N PRO A 329 3.32 10.28 26.24
CA PRO A 329 2.78 10.51 27.58
C PRO A 329 1.37 9.92 27.78
N LYS A 330 0.57 9.93 26.74
CA LYS A 330 -0.78 9.35 26.74
C LYS A 330 -0.66 7.83 26.87
N LEU A 331 0.29 7.20 26.15
CA LEU A 331 0.45 5.75 26.31
C LEU A 331 0.88 5.44 27.75
N VAL A 332 1.79 6.21 28.35
CA VAL A 332 2.16 5.99 29.76
C VAL A 332 0.91 6.16 30.64
N ALA A 333 0.10 7.19 30.41
CA ALA A 333 -1.09 7.42 31.27
C ALA A 333 -1.98 6.18 31.15
N ASP A 334 -2.12 5.65 29.94
CA ASP A 334 -2.99 4.49 29.69
C ASP A 334 -2.40 3.26 30.37
N PHE A 335 -1.08 3.07 30.32
CA PHE A 335 -0.49 1.94 31.08
C PHE A 335 -0.79 2.10 32.58
N MET A 336 -0.62 3.27 33.13
CA MET A 336 -0.83 3.56 34.57
CA MET A 336 -0.78 3.34 34.59
C MET A 336 -2.28 3.24 34.94
N ALA A 337 -3.17 3.43 34.00
CA ALA A 337 -4.62 3.07 34.13
C ALA A 337 -4.93 1.60 33.73
N LYS A 338 -3.92 0.74 33.52
CA LYS A 338 -4.09 -0.69 33.26
C LYS A 338 -4.85 -0.90 31.96
N LYS A 339 -4.60 -0.07 30.92
CA LYS A 339 -5.30 -0.24 29.61
C LYS A 339 -4.56 -1.31 28.77
N PHE A 340 -3.29 -1.56 29.07
CA PHE A 340 -2.52 -2.64 28.42
C PHE A 340 -1.43 -3.06 29.39
N ALA A 341 -0.80 -4.20 29.12
CA ALA A 341 0.24 -4.82 29.94
C ALA A 341 1.58 -4.83 29.22
N LEU A 342 2.62 -4.54 29.97
CA LEU A 342 4.02 -4.60 29.49
C LEU A 342 4.75 -5.81 30.03
N ASP A 343 4.41 -6.33 31.22
CA ASP A 343 5.11 -7.48 31.80
C ASP A 343 5.25 -8.66 30.83
N PRO A 344 4.27 -9.00 29.97
CA PRO A 344 4.47 -10.16 29.09
C PRO A 344 5.64 -10.00 28.13
N LEU A 345 6.12 -8.79 27.88
CA LEU A 345 7.26 -8.56 26.96
C LEU A 345 8.58 -8.72 27.70
N ILE A 346 8.57 -8.63 29.04
CA ILE A 346 9.83 -8.55 29.79
C ILE A 346 10.17 -9.94 30.27
N THR A 347 11.16 -10.55 29.67
CA THR A 347 11.53 -11.94 30.03
C THR A 347 12.76 -11.99 30.90
N HIS A 348 13.54 -10.91 30.93
CA HIS A 348 14.85 -10.91 31.59
C HIS A 348 15.16 -9.52 32.06
N VAL A 349 15.85 -9.43 33.19
CA VAL A 349 16.32 -8.15 33.76
C VAL A 349 17.81 -8.33 34.08
N LEU A 350 18.62 -7.34 33.69
CA LEU A 350 20.06 -7.36 33.94
C LEU A 350 20.52 -5.96 34.27
N PRO A 351 21.60 -5.84 35.05
CA PRO A 351 22.20 -4.53 35.18
C PRO A 351 22.84 -4.11 33.85
N PHE A 352 22.90 -2.81 33.63
CA PHE A 352 23.51 -2.24 32.40
C PHE A 352 24.87 -2.88 32.10
N GLU A 353 25.67 -3.13 33.12
CA GLU A 353 27.05 -3.65 32.98
C GLU A 353 27.04 -5.04 32.31
N LYS A 354 25.89 -5.73 32.33
CA LYS A 354 25.76 -7.05 31.65
C LYS A 354 25.03 -6.91 30.31
N ILE A 355 25.19 -5.77 29.65
CA ILE A 355 24.58 -5.55 28.30
C ILE A 355 24.99 -6.64 27.31
N ASN A 356 26.26 -7.07 27.23
CA ASN A 356 26.63 -8.12 26.26
C ASN A 356 25.84 -9.42 26.53
N GLU A 357 25.71 -9.83 27.79
CA GLU A 357 24.89 -11.00 28.18
C GLU A 357 23.45 -10.80 27.66
N GLY A 358 22.93 -9.58 27.74
CA GLY A 358 21.54 -9.31 27.26
C GLY A 358 21.47 -9.47 25.74
N PHE A 359 22.45 -9.01 25.02
CA PHE A 359 22.50 -9.27 23.56
C PHE A 359 22.61 -10.76 23.26
N ASP A 360 23.41 -11.49 24.06
CA ASP A 360 23.54 -12.95 23.82
C ASP A 360 22.16 -13.60 24.02
N LEU A 361 21.39 -13.16 24.99
CA LEU A 361 20.03 -13.74 25.22
C LEU A 361 19.19 -13.46 23.98
N LEU A 362 19.24 -12.28 23.41
CA LEU A 362 18.37 -12.01 22.24
C LEU A 362 18.83 -12.87 21.07
N ARG A 363 20.14 -12.94 20.86
CA ARG A 363 20.67 -13.68 19.69
C ARG A 363 20.42 -15.18 19.80
N SER A 364 20.34 -15.71 21.01
CA SER A 364 20.09 -17.16 21.22
C SER A 364 18.65 -17.52 20.92
N GLY A 365 17.73 -16.55 20.86
CA GLY A 365 16.30 -16.78 20.74
C GLY A 365 15.63 -16.92 22.09
N GLU A 366 16.36 -16.82 23.21
CA GLU A 366 15.75 -17.12 24.51
C GLU A 366 14.92 -15.94 25.02
N SER A 367 15.27 -14.70 24.72
CA SER A 367 14.57 -13.54 25.36
C SER A 367 13.51 -12.97 24.40
N ILE A 368 12.60 -12.21 24.97
CA ILE A 368 11.80 -11.19 24.24
C ILE A 368 12.48 -9.86 24.56
N ARG A 369 12.13 -9.21 25.66
CA ARG A 369 12.83 -7.98 26.08
C ARG A 369 13.62 -8.30 27.34
N THR A 370 14.90 -7.98 27.27
CA THR A 370 15.77 -7.75 28.44
C THR A 370 15.73 -6.26 28.77
N ILE A 371 15.38 -5.90 29.99
CA ILE A 371 15.49 -4.53 30.53
C ILE A 371 16.81 -4.39 31.30
N LEU A 372 17.61 -3.44 30.89
CA LEU A 372 18.87 -3.08 31.56
C LEU A 372 18.60 -1.93 32.55
N THR A 373 19.10 -2.06 33.79
CA THR A 373 18.98 -1.04 34.81
C THR A 373 20.32 -0.40 35.10
N PHE A 374 20.34 0.92 35.15
CA PHE A 374 21.58 1.70 35.41
C PHE A 374 21.88 1.80 36.90
N SER B 1 -37.45 -13.26 -35.84
CA SER B 1 -37.06 -13.48 -34.42
C SER B 1 -35.71 -14.18 -34.39
N THR B 2 -34.89 -13.89 -33.39
CA THR B 2 -33.57 -14.54 -33.21
C THR B 2 -33.54 -15.33 -31.90
N ALA B 3 -34.47 -15.09 -30.97
CA ALA B 3 -34.46 -15.68 -29.63
C ALA B 3 -34.46 -17.20 -29.77
N GLY B 4 -33.59 -17.89 -29.02
CA GLY B 4 -33.49 -19.36 -29.00
C GLY B 4 -32.72 -19.90 -30.17
N LYS B 5 -32.28 -19.06 -31.10
CA LYS B 5 -31.57 -19.51 -32.32
C LYS B 5 -30.13 -19.05 -32.28
N VAL B 6 -29.26 -19.81 -32.92
CA VAL B 6 -27.90 -19.35 -33.27
C VAL B 6 -28.01 -18.09 -34.11
N ILE B 7 -27.22 -17.09 -33.78
CA ILE B 7 -27.02 -15.91 -34.66
C ILE B 7 -25.69 -16.01 -35.40
N LYS B 8 -25.76 -15.76 -36.69
CA LYS B 8 -24.57 -15.51 -37.50
C LYS B 8 -24.38 -14.02 -37.62
N CYS B 9 -23.19 -13.53 -37.26
CA CYS B 9 -22.88 -12.07 -37.25
C CYS B 9 -21.39 -11.80 -37.45
N LYS B 10 -21.04 -10.51 -37.59
CA LYS B 10 -19.69 -10.02 -37.78
C LYS B 10 -19.07 -9.83 -36.39
N ALA B 11 -17.84 -10.26 -36.27
CA ALA B 11 -17.02 -10.03 -35.06
C ALA B 11 -15.59 -9.83 -35.51
N ALA B 12 -14.78 -9.24 -34.62
CA ALA B 12 -13.35 -9.02 -34.83
C ALA B 12 -12.64 -10.11 -34.04
N VAL B 13 -12.20 -11.14 -34.75
CA VAL B 13 -11.48 -12.27 -34.12
C VAL B 13 -9.97 -12.00 -34.12
N LEU B 14 -9.30 -12.29 -32.99
CA LEU B 14 -7.82 -12.22 -32.88
C LEU B 14 -7.33 -13.68 -32.83
N TRP B 15 -6.80 -14.14 -33.96
CA TRP B 15 -6.39 -15.56 -34.11
C TRP B 15 -5.07 -15.84 -33.40
N GLU B 16 -4.19 -14.85 -33.28
CA GLU B 16 -2.89 -15.01 -32.61
C GLU B 16 -2.37 -13.63 -32.26
N GLU B 17 -1.33 -13.58 -31.46
CA GLU B 17 -0.80 -12.31 -30.95
C GLU B 17 -0.15 -11.56 -32.12
N LYS B 18 -0.05 -10.24 -32.00
CA LYS B 18 0.70 -9.36 -32.93
C LYS B 18 0.18 -9.54 -34.36
N LYS B 19 -1.12 -9.72 -34.52
CA LYS B 19 -1.78 -9.75 -35.84
C LYS B 19 -2.94 -8.76 -35.81
N PRO B 20 -3.28 -8.14 -36.96
CA PRO B 20 -4.52 -7.39 -37.05
C PRO B 20 -5.72 -8.27 -36.67
N PHE B 21 -6.80 -7.62 -36.20
CA PHE B 21 -8.08 -8.31 -35.98
C PHE B 21 -8.62 -8.76 -37.34
N SER B 22 -9.28 -9.92 -37.36
CA SER B 22 -9.95 -10.49 -38.55
C SER B 22 -11.45 -10.23 -38.40
N ILE B 23 -12.02 -9.37 -39.24
CA ILE B 23 -13.48 -9.06 -39.27
C ILE B 23 -14.14 -10.14 -40.11
N GLU B 24 -14.90 -11.00 -39.48
CA GLU B 24 -15.58 -12.10 -40.20
C GLU B 24 -16.81 -12.61 -39.47
N GLU B 25 -17.53 -13.50 -40.12
CA GLU B 25 -18.75 -14.10 -39.60
C GLU B 25 -18.36 -15.11 -38.51
N VAL B 26 -19.04 -14.98 -37.38
CA VAL B 26 -19.05 -15.94 -36.25
C VAL B 26 -20.47 -16.41 -36.01
N GLU B 27 -20.56 -17.52 -35.32
CA GLU B 27 -21.85 -18.02 -34.82
CA GLU B 27 -21.84 -18.06 -34.82
C GLU B 27 -21.90 -17.79 -33.31
N VAL B 28 -22.97 -17.18 -32.87
CA VAL B 28 -23.23 -16.87 -31.46
C VAL B 28 -24.39 -17.72 -30.97
N ALA B 29 -24.10 -18.62 -30.06
CA ALA B 29 -25.13 -19.51 -29.55
C ALA B 29 -26.14 -18.73 -28.75
N PRO B 30 -27.36 -19.24 -28.56
CA PRO B 30 -28.33 -18.64 -27.67
C PRO B 30 -27.92 -18.77 -26.20
N PRO B 31 -28.34 -17.82 -25.34
CA PRO B 31 -28.02 -17.88 -23.92
C PRO B 31 -28.62 -19.10 -23.22
N LYS B 32 -27.80 -19.71 -22.37
CA LYS B 32 -28.23 -20.79 -21.46
C LYS B 32 -28.75 -20.14 -20.17
N ALA B 33 -29.04 -20.97 -19.19
CA ALA B 33 -29.61 -20.47 -17.93
C ALA B 33 -28.68 -19.39 -17.39
N HIS B 34 -29.29 -18.33 -16.92
CA HIS B 34 -28.56 -17.20 -16.27
C HIS B 34 -27.56 -16.53 -17.20
N GLU B 35 -27.84 -16.50 -18.50
CA GLU B 35 -27.02 -15.83 -19.52
C GLU B 35 -27.88 -14.84 -20.29
N VAL B 36 -27.19 -13.88 -20.88
CA VAL B 36 -27.83 -12.73 -21.56
C VAL B 36 -27.11 -12.54 -22.87
N ARG B 37 -27.88 -12.51 -23.98
CA ARG B 37 -27.34 -12.20 -25.29
C ARG B 37 -27.65 -10.74 -25.64
N ILE B 38 -26.60 -10.02 -26.00
CA ILE B 38 -26.64 -8.55 -26.21
C ILE B 38 -26.28 -8.22 -27.67
N LYS B 39 -27.10 -7.34 -28.28
CA LYS B 39 -26.76 -6.65 -29.53
C LYS B 39 -25.92 -5.42 -29.20
N MET B 40 -24.67 -5.47 -29.59
CA MET B 40 -23.72 -4.36 -29.31
CA MET B 40 -23.78 -4.35 -29.25
C MET B 40 -24.15 -3.10 -30.06
N VAL B 41 -24.05 -1.95 -29.41
CA VAL B 41 -24.32 -0.63 -30.07
C VAL B 41 -23.00 0.15 -30.20
N ALA B 42 -22.15 0.17 -29.17
CA ALA B 42 -20.90 0.96 -29.20
C ALA B 42 -19.86 0.25 -28.32
N THR B 43 -18.61 0.26 -28.72
CA THR B 43 -17.52 -0.29 -27.90
C THR B 43 -16.28 0.58 -28.05
N GLY B 44 -15.58 0.85 -26.95
CA GLY B 44 -14.37 1.64 -26.94
C GLY B 44 -13.15 0.80 -27.11
N ILE B 45 -12.08 1.42 -27.58
CA ILE B 45 -10.77 0.77 -27.72
C ILE B 45 -9.93 1.19 -26.52
N CYS B 46 -9.68 0.22 -25.65
CA CYS B 46 -8.94 0.45 -24.38
C CYS B 46 -7.53 -0.11 -24.60
N ARG B 47 -6.55 0.46 -23.93
CA ARG B 47 -5.19 -0.08 -24.02
C ARG B 47 -5.17 -1.54 -23.60
N SER B 48 -5.99 -1.98 -22.64
CA SER B 48 -5.95 -3.41 -22.22
C SER B 48 -6.20 -4.32 -23.41
N ASP B 49 -7.12 -3.95 -24.28
CA ASP B 49 -7.37 -4.77 -25.51
C ASP B 49 -6.13 -4.80 -26.39
N ASP B 50 -5.38 -3.72 -26.51
CA ASP B 50 -4.12 -3.70 -27.30
C ASP B 50 -3.08 -4.58 -26.59
N GLN B 51 -3.10 -4.61 -25.24
CA GLN B 51 -2.11 -5.46 -24.52
C GLN B 51 -2.38 -6.94 -24.81
N VAL B 52 -3.63 -7.34 -25.10
CA VAL B 52 -3.92 -8.75 -25.53
C VAL B 52 -3.22 -8.97 -26.86
N VAL B 53 -3.35 -8.04 -27.79
CA VAL B 53 -2.66 -8.19 -29.11
C VAL B 53 -1.14 -8.27 -28.91
N SER B 54 -0.56 -7.47 -28.03
CA SER B 54 0.90 -7.41 -27.78
C SER B 54 1.37 -8.69 -27.08
N GLY B 55 0.47 -9.41 -26.42
CA GLY B 55 0.79 -10.61 -25.60
C GLY B 55 1.26 -10.24 -24.21
N THR B 56 1.19 -8.97 -23.82
CA THR B 56 1.59 -8.55 -22.45
C THR B 56 0.46 -8.74 -21.44
N LEU B 57 -0.79 -8.80 -21.88
CA LEU B 57 -1.95 -9.25 -21.05
C LEU B 57 -2.35 -10.59 -21.64
N VAL B 58 -2.04 -11.64 -20.90
CA VAL B 58 -2.22 -13.02 -21.39
C VAL B 58 -3.67 -13.45 -21.16
N THR B 59 -4.27 -14.00 -22.21
CA THR B 59 -5.62 -14.61 -22.16
C THR B 59 -5.64 -15.64 -23.28
N PRO B 60 -6.42 -16.74 -23.17
CA PRO B 60 -6.39 -17.75 -24.24
C PRO B 60 -6.83 -17.24 -25.60
N LEU B 61 -6.10 -17.64 -26.64
CA LEU B 61 -6.42 -17.29 -28.04
C LEU B 61 -6.82 -18.57 -28.76
N PRO B 62 -7.58 -18.49 -29.87
CA PRO B 62 -8.09 -17.24 -30.43
C PRO B 62 -9.19 -16.66 -29.54
N VAL B 63 -9.46 -15.36 -29.71
CA VAL B 63 -10.38 -14.66 -28.79
C VAL B 63 -11.18 -13.58 -29.51
N ILE B 64 -12.37 -13.33 -29.00
CA ILE B 64 -13.11 -12.04 -29.24
C ILE B 64 -12.82 -11.13 -28.04
N ALA B 65 -11.97 -10.15 -28.26
CA ALA B 65 -11.57 -9.17 -27.24
C ALA B 65 -12.66 -8.09 -27.16
N GLY B 66 -12.34 -7.00 -26.47
CA GLY B 66 -13.30 -5.90 -26.26
C GLY B 66 -13.99 -6.11 -24.92
N HIS B 67 -13.96 -5.07 -24.11
CA HIS B 67 -14.61 -5.13 -22.78
C HIS B 67 -15.29 -3.84 -22.35
N GLU B 68 -15.14 -2.74 -23.10
CA GLU B 68 -15.67 -1.40 -22.76
C GLU B 68 -16.83 -1.18 -23.74
N ALA B 69 -18.07 -1.40 -23.35
CA ALA B 69 -19.14 -1.36 -24.36
C ALA B 69 -20.50 -1.05 -23.76
N ALA B 70 -21.46 -0.86 -24.65
CA ALA B 70 -22.88 -0.82 -24.32
C ALA B 70 -23.71 -1.38 -25.48
N GLY B 71 -24.81 -1.98 -25.13
CA GLY B 71 -25.73 -2.53 -26.15
C GLY B 71 -27.11 -2.74 -25.59
N ILE B 72 -27.91 -3.51 -26.33
CA ILE B 72 -29.33 -3.73 -26.03
C ILE B 72 -29.56 -5.23 -25.95
N VAL B 73 -30.22 -5.67 -24.90
CA VAL B 73 -30.53 -7.12 -24.67
C VAL B 73 -31.40 -7.66 -25.81
N GLU B 74 -30.90 -8.69 -26.46
CA GLU B 74 -31.65 -9.37 -27.56
C GLU B 74 -32.48 -10.48 -26.95
N SER B 75 -31.91 -11.24 -26.01
CA SER B 75 -32.62 -12.33 -25.32
C SER B 75 -31.97 -12.70 -24.00
N ILE B 76 -32.73 -13.38 -23.17
CA ILE B 76 -32.29 -13.86 -21.83
C ILE B 76 -32.52 -15.35 -21.70
N GLY B 77 -31.62 -16.02 -20.98
CA GLY B 77 -31.79 -17.42 -20.61
C GLY B 77 -32.73 -17.56 -19.46
N GLU B 78 -33.08 -18.82 -19.19
CA GLU B 78 -33.92 -19.22 -18.04
C GLU B 78 -33.28 -18.65 -16.77
N GLY B 79 -34.11 -18.06 -15.93
CA GLY B 79 -33.72 -17.71 -14.56
C GLY B 79 -33.13 -16.32 -14.47
N VAL B 80 -32.99 -15.58 -15.57
CA VAL B 80 -32.47 -14.18 -15.56
C VAL B 80 -33.55 -13.27 -14.98
N THR B 81 -33.21 -12.44 -14.01
CA THR B 81 -34.18 -11.58 -13.32
C THR B 81 -33.81 -10.10 -13.37
N THR B 82 -32.62 -9.72 -13.81
CA THR B 82 -32.10 -8.35 -13.59
C THR B 82 -32.09 -7.54 -14.88
N VAL B 83 -32.32 -8.20 -16.02
CA VAL B 83 -32.41 -7.50 -17.32
C VAL B 83 -33.52 -8.20 -18.09
N ARG B 84 -34.01 -7.52 -19.11
CA ARG B 84 -35.02 -8.06 -20.04
C ARG B 84 -34.68 -7.63 -21.44
N PRO B 85 -35.20 -8.35 -22.45
CA PRO B 85 -35.02 -7.97 -23.84
C PRO B 85 -35.43 -6.50 -24.06
N GLY B 86 -34.62 -5.77 -24.78
CA GLY B 86 -34.86 -4.34 -25.06
C GLY B 86 -34.14 -3.43 -24.10
N ASP B 87 -33.66 -3.93 -22.98
CA ASP B 87 -32.95 -3.07 -22.00
C ASP B 87 -31.60 -2.63 -22.57
N LYS B 88 -31.22 -1.40 -22.28
CA LYS B 88 -29.84 -0.94 -22.52
C LYS B 88 -29.00 -1.50 -21.37
N VAL B 89 -27.84 -2.00 -21.70
CA VAL B 89 -26.92 -2.66 -20.73
C VAL B 89 -25.49 -2.32 -21.04
N ILE B 90 -24.67 -2.42 -19.99
CA ILE B 90 -23.19 -2.39 -20.03
C ILE B 90 -22.65 -3.70 -19.51
N PRO B 91 -21.86 -4.44 -20.33
CA PRO B 91 -21.18 -5.64 -19.82
C PRO B 91 -20.16 -5.23 -18.76
N LEU B 92 -20.01 -6.08 -17.75
CA LEU B 92 -19.14 -5.85 -16.57
C LEU B 92 -17.94 -6.80 -16.66
N PHE B 93 -16.77 -6.29 -16.98
CA PHE B 93 -15.57 -7.16 -17.12
C PHE B 93 -15.12 -7.63 -15.72
N THR B 94 -15.44 -6.88 -14.68
CA THR B 94 -15.40 -7.37 -13.29
C THR B 94 -16.82 -7.72 -12.88
N PRO B 95 -17.17 -9.02 -12.68
CA PRO B 95 -18.54 -9.33 -12.28
C PRO B 95 -18.87 -8.92 -10.84
N GLN B 96 -20.15 -8.98 -10.49
CA GLN B 96 -20.64 -8.85 -9.11
C GLN B 96 -21.66 -9.93 -8.82
N CYS B 97 -21.16 -11.05 -8.31
CA CYS B 97 -22.04 -12.22 -8.02
C CYS B 97 -22.96 -11.86 -6.85
N GLY B 98 -22.48 -11.03 -5.93
CA GLY B 98 -23.24 -10.62 -4.74
C GLY B 98 -23.20 -11.64 -3.61
N LYS B 99 -22.54 -12.78 -3.80
CA LYS B 99 -22.62 -13.92 -2.84
C LYS B 99 -21.25 -14.24 -2.22
N CYS B 100 -20.14 -13.90 -2.87
CA CYS B 100 -18.78 -14.30 -2.42
C CYS B 100 -18.28 -13.34 -1.32
N ARG B 101 -17.20 -13.72 -0.68
CA ARG B 101 -16.70 -12.97 0.49
C ARG B 101 -16.30 -11.57 0.03
N VAL B 102 -15.84 -11.45 -1.21
CA VAL B 102 -15.44 -10.11 -1.72
C VAL B 102 -16.69 -9.27 -1.93
N CYS B 103 -17.65 -9.80 -2.68
CA CYS B 103 -18.88 -9.05 -2.94
C CYS B 103 -19.54 -8.59 -1.66
N LYS B 104 -19.44 -9.40 -0.58
CA LYS B 104 -20.06 -9.07 0.73
C LYS B 104 -19.21 -8.09 1.54
N HIS B 105 -17.98 -7.83 1.14
CA HIS B 105 -17.10 -6.95 1.91
C HIS B 105 -17.35 -5.51 1.51
N PRO B 106 -17.37 -4.54 2.45
CA PRO B 106 -17.74 -3.18 2.08
C PRO B 106 -16.76 -2.51 1.10
N GLU B 107 -15.49 -2.93 1.07
CA GLU B 107 -14.46 -2.26 0.22
CA GLU B 107 -14.42 -2.31 0.23
C GLU B 107 -14.28 -3.08 -1.07
C GLU B 107 -13.88 -3.26 -0.84
N GLY B 108 -14.38 -4.40 -1.00
N GLY B 108 -14.46 -4.42 -1.03
CA GLY B 108 -13.99 -5.31 -2.09
C GLY B 108 -14.79 -5.13 -3.37
N ASN B 109 -14.15 -5.28 -4.53
CA ASN B 109 -14.89 -5.33 -5.82
C ASN B 109 -14.36 -6.42 -6.71
N PHE B 110 -13.26 -7.08 -6.37
CA PHE B 110 -12.65 -8.09 -7.28
C PHE B 110 -13.35 -9.43 -7.02
N CYS B 111 -14.59 -9.55 -7.50
CA CYS B 111 -15.46 -10.72 -7.23
C CYS B 111 -14.75 -12.00 -7.61
N LEU B 112 -14.88 -13.03 -6.78
CA LEU B 112 -14.18 -14.32 -6.99
C LEU B 112 -14.63 -15.04 -8.26
N LYS B 113 -15.69 -14.61 -8.93
CA LYS B 113 -16.10 -15.25 -10.21
C LYS B 113 -15.40 -14.61 -11.39
N ASN B 114 -14.54 -13.65 -11.14
CA ASN B 114 -13.82 -12.98 -12.22
C ASN B 114 -13.07 -13.99 -13.10
N ASP B 115 -12.83 -13.60 -14.36
CA ASP B 115 -11.97 -14.32 -15.33
C ASP B 115 -10.67 -13.55 -15.56
N LEU B 116 -10.23 -12.76 -14.59
CA LEU B 116 -9.03 -11.91 -14.72
C LEU B 116 -7.81 -12.61 -14.11
N SER B 117 -7.95 -13.19 -12.91
CA SER B 117 -6.79 -13.75 -12.18
C SER B 117 -6.18 -14.93 -12.92
N MET B 118 -7.01 -15.87 -13.34
CA MET B 118 -6.57 -17.16 -13.94
C MET B 118 -7.43 -17.36 -15.18
N PRO B 119 -7.19 -16.55 -16.23
CA PRO B 119 -8.14 -16.43 -17.32
C PRO B 119 -8.33 -17.75 -18.08
N ARG B 120 -9.59 -18.16 -18.18
CA ARG B 120 -10.02 -19.34 -18.94
C ARG B 120 -10.57 -18.91 -20.31
N GLY B 121 -11.12 -17.69 -20.44
CA GLY B 121 -11.71 -17.28 -21.74
C GLY B 121 -12.99 -17.99 -22.04
N THR B 122 -13.82 -18.23 -21.05
CA THR B 122 -15.09 -18.93 -21.21
C THR B 122 -16.22 -18.19 -20.48
N MET B 123 -17.42 -18.68 -20.64
CA MET B 123 -18.58 -18.44 -19.78
C MET B 123 -18.31 -18.98 -18.38
N GLN B 124 -19.13 -18.63 -17.41
CA GLN B 124 -19.02 -19.21 -16.03
C GLN B 124 -19.06 -20.74 -16.11
N ASP B 125 -19.76 -21.34 -17.06
CA ASP B 125 -19.90 -22.82 -17.09
C ASP B 125 -18.71 -23.50 -17.77
N GLY B 126 -17.64 -22.78 -18.17
CA GLY B 126 -16.40 -23.31 -18.73
C GLY B 126 -16.52 -23.66 -20.19
N THR B 127 -17.55 -23.15 -20.85
CA THR B 127 -17.74 -23.35 -22.32
C THR B 127 -17.80 -22.01 -23.05
N SER B 128 -17.71 -22.05 -24.37
CA SER B 128 -17.76 -20.84 -25.23
C SER B 128 -19.06 -20.83 -26.04
N ARG B 129 -19.62 -19.66 -26.24
CA ARG B 129 -20.81 -19.41 -27.09
C ARG B 129 -20.40 -19.00 -28.50
N PHE B 130 -19.13 -18.94 -28.83
CA PHE B 130 -18.62 -18.45 -30.12
C PHE B 130 -17.95 -19.56 -30.93
N THR B 131 -18.30 -19.63 -32.21
CA THR B 131 -17.51 -20.42 -33.18
CA THR B 131 -17.67 -20.49 -33.25
C THR B 131 -17.25 -19.61 -34.42
N CYS B 132 -16.15 -19.91 -35.07
CA CYS B 132 -15.70 -19.19 -36.28
C CYS B 132 -14.91 -20.18 -37.14
N ARG B 133 -15.38 -20.38 -38.37
CA ARG B 133 -14.79 -21.35 -39.33
C ARG B 133 -14.75 -22.73 -38.70
N GLY B 134 -15.79 -23.10 -37.93
CA GLY B 134 -15.86 -24.43 -37.27
C GLY B 134 -14.94 -24.57 -36.07
N LYS B 135 -14.33 -23.49 -35.55
CA LYS B 135 -13.45 -23.57 -34.37
C LYS B 135 -14.06 -22.77 -33.23
N PRO B 136 -14.03 -23.30 -31.97
CA PRO B 136 -14.45 -22.54 -30.82
C PRO B 136 -13.53 -21.32 -30.66
N ILE B 137 -14.13 -20.21 -30.22
CA ILE B 137 -13.36 -18.96 -29.99
C ILE B 137 -13.58 -18.54 -28.54
N HIS B 138 -12.49 -18.17 -27.87
CA HIS B 138 -12.56 -17.77 -26.46
C HIS B 138 -13.29 -16.42 -26.31
N HIS B 139 -13.93 -16.30 -25.16
CA HIS B 139 -14.43 -15.04 -24.54
C HIS B 139 -13.25 -14.30 -23.93
N PHE B 140 -13.48 -13.03 -23.60
CA PHE B 140 -12.45 -12.18 -22.97
C PHE B 140 -13.09 -11.48 -21.78
N LEU B 141 -12.63 -11.82 -20.56
CA LEU B 141 -13.08 -11.18 -19.31
C LEU B 141 -14.61 -11.35 -19.15
N GLY B 142 -15.25 -12.39 -19.69
CA GLY B 142 -16.71 -12.55 -19.56
C GLY B 142 -17.47 -11.50 -20.36
N THR B 143 -16.86 -10.79 -21.31
CA THR B 143 -17.55 -9.70 -22.05
C THR B 143 -17.48 -9.96 -23.55
N SER B 144 -16.38 -9.76 -24.21
CA SER B 144 -16.17 -10.01 -25.66
C SER B 144 -17.08 -9.05 -26.45
N THR B 145 -16.71 -7.79 -26.54
CA THR B 145 -17.63 -6.76 -27.05
C THR B 145 -17.25 -6.43 -28.48
N PHE B 146 -16.19 -6.99 -29.05
CA PHE B 146 -15.82 -6.70 -30.46
C PHE B 146 -16.61 -7.66 -31.37
N SER B 147 -17.91 -7.62 -31.25
CA SER B 147 -18.86 -8.52 -31.94
C SER B 147 -20.21 -7.85 -32.00
N GLN B 148 -20.97 -8.06 -33.07
CA GLN B 148 -22.31 -7.45 -33.16
C GLN B 148 -23.21 -8.02 -32.08
N TYR B 149 -22.95 -9.27 -31.71
CA TYR B 149 -23.66 -9.92 -30.58
C TYR B 149 -22.64 -10.62 -29.68
N THR B 150 -22.93 -10.57 -28.40
CA THR B 150 -22.20 -11.35 -27.38
C THR B 150 -23.19 -12.00 -26.41
N VAL B 151 -22.67 -12.97 -25.66
CA VAL B 151 -23.40 -13.66 -24.57
C VAL B 151 -22.55 -13.50 -23.30
N VAL B 152 -23.21 -13.05 -22.25
CA VAL B 152 -22.53 -12.82 -20.95
C VAL B 152 -23.34 -13.50 -19.88
N ASP B 153 -22.68 -13.85 -18.81
CA ASP B 153 -23.37 -14.30 -17.59
C ASP B 153 -24.13 -13.13 -16.95
N GLU B 154 -25.25 -13.40 -16.27
CA GLU B 154 -26.01 -12.29 -15.67
C GLU B 154 -25.16 -11.47 -14.69
N ILE B 155 -24.23 -12.11 -13.99
CA ILE B 155 -23.40 -11.36 -12.99
C ILE B 155 -22.41 -10.43 -13.69
N SER B 156 -22.33 -10.48 -15.04
CA SER B 156 -21.40 -9.69 -15.88
C SER B 156 -22.22 -8.71 -16.73
N VAL B 157 -23.38 -8.29 -16.27
CA VAL B 157 -24.17 -7.29 -17.02
C VAL B 157 -24.96 -6.41 -16.05
N ALA B 158 -25.06 -5.14 -16.37
CA ALA B 158 -25.89 -4.17 -15.65
C ALA B 158 -26.86 -3.49 -16.59
N LYS B 159 -28.09 -3.41 -16.14
CA LYS B 159 -29.14 -2.58 -16.79
C LYS B 159 -28.91 -1.11 -16.51
N ILE B 160 -29.00 -0.28 -17.55
CA ILE B 160 -28.81 1.18 -17.41
C ILE B 160 -30.02 1.94 -17.97
N ASP B 161 -30.01 3.25 -17.76
CA ASP B 161 -31.16 4.12 -18.11
C ASP B 161 -31.51 3.92 -19.60
N ALA B 162 -32.80 3.68 -19.89
CA ALA B 162 -33.32 3.51 -21.26
C ALA B 162 -33.03 4.70 -22.17
N ALA B 163 -32.80 5.89 -21.60
CA ALA B 163 -32.56 7.11 -22.41
C ALA B 163 -31.06 7.40 -22.57
N SER B 164 -30.16 6.53 -22.11
N SER B 164 -30.18 6.49 -22.10
CA SER B 164 -28.73 6.93 -22.13
CA SER B 164 -28.69 6.63 -22.11
C SER B 164 -28.18 6.76 -23.53
C SER B 164 -28.17 6.72 -23.54
N PRO B 165 -27.23 7.65 -23.91
CA PRO B 165 -26.58 7.63 -25.20
C PRO B 165 -25.43 6.61 -25.17
N LEU B 166 -25.68 5.49 -25.81
CA LEU B 166 -24.77 4.32 -25.63
C LEU B 166 -23.41 4.61 -26.23
N GLU B 167 -23.32 5.50 -27.21
CA GLU B 167 -22.06 5.86 -27.89
C GLU B 167 -21.16 6.69 -26.95
N LYS B 168 -21.69 7.18 -25.85
CA LYS B 168 -20.85 7.84 -24.79
C LYS B 168 -20.74 6.94 -23.57
N VAL B 169 -21.83 6.39 -23.04
CA VAL B 169 -21.81 5.71 -21.72
C VAL B 169 -21.09 4.36 -21.81
N CYS B 170 -20.73 3.86 -22.98
CA CYS B 170 -19.83 2.69 -23.10
C CYS B 170 -18.53 2.92 -22.31
N LEU B 171 -18.09 4.16 -22.13
CA LEU B 171 -16.82 4.43 -21.41
C LEU B 171 -16.99 4.14 -19.92
N ILE B 172 -18.21 4.15 -19.40
CA ILE B 172 -18.48 3.74 -18.00
C ILE B 172 -18.24 2.24 -17.82
N GLY B 173 -18.21 1.48 -18.90
CA GLY B 173 -17.78 0.06 -18.87
C GLY B 173 -16.30 -0.13 -18.60
N CYS B 174 -15.45 0.89 -18.74
CA CYS B 174 -14.05 0.67 -18.36
C CYS B 174 -13.36 1.98 -18.04
N GLY B 175 -12.93 2.73 -19.04
CA GLY B 175 -11.93 3.78 -18.84
C GLY B 175 -12.35 4.84 -17.83
N PHE B 176 -13.53 5.40 -17.99
CA PHE B 176 -13.98 6.52 -17.14
C PHE B 176 -14.06 6.02 -15.70
N SER B 177 -14.78 4.94 -15.47
CA SER B 177 -15.07 4.45 -14.10
C SER B 177 -13.75 4.06 -13.45
N THR B 178 -12.88 3.40 -14.20
CA THR B 178 -11.56 2.97 -13.66
C THR B 178 -10.80 4.19 -13.14
N GLY B 179 -10.69 5.22 -13.97
CA GLY B 179 -9.85 6.38 -13.59
C GLY B 179 -10.49 7.19 -12.53
N TYR B 180 -11.80 7.43 -12.65
CA TYR B 180 -12.55 8.29 -11.71
C TYR B 180 -12.54 7.64 -10.34
N GLY B 181 -12.90 6.34 -10.29
CA GLY B 181 -12.93 5.59 -9.03
C GLY B 181 -11.54 5.46 -8.42
N SER B 182 -10.48 5.31 -9.19
CA SER B 182 -9.11 5.19 -8.65
C SER B 182 -8.82 6.45 -7.82
N ALA B 183 -9.32 7.59 -8.25
CA ALA B 183 -9.09 8.88 -7.55
C ALA B 183 -10.04 8.95 -6.37
N VAL B 184 -11.34 8.88 -6.62
CA VAL B 184 -12.35 9.27 -5.58
C VAL B 184 -12.56 8.16 -4.56
N LYS B 185 -12.49 6.88 -4.92
CA LYS B 185 -12.84 5.75 -4.04
C LYS B 185 -11.57 5.04 -3.57
N VAL B 186 -10.58 4.75 -4.41
CA VAL B 186 -9.40 3.93 -3.98
C VAL B 186 -8.42 4.86 -3.25
N ALA B 187 -7.92 5.90 -3.88
CA ALA B 187 -7.00 6.89 -3.25
C ALA B 187 -7.77 7.71 -2.21
N LYS B 188 -9.02 8.04 -2.45
CA LYS B 188 -9.82 8.99 -1.63
C LYS B 188 -9.04 10.29 -1.58
N VAL B 189 -8.75 10.86 -2.74
CA VAL B 189 -8.09 12.18 -2.88
C VAL B 189 -8.82 13.23 -2.02
N THR B 190 -8.06 14.05 -1.30
CA THR B 190 -8.62 15.04 -0.38
C THR B 190 -8.61 16.45 -0.96
N GLN B 191 -9.49 17.31 -0.44
CA GLN B 191 -9.54 18.72 -0.84
C GLN B 191 -8.20 19.40 -0.53
N GLY B 192 -7.70 20.14 -1.50
CA GLY B 192 -6.49 20.97 -1.35
C GLY B 192 -5.21 20.16 -1.52
N SER B 193 -5.33 18.86 -1.84
CA SER B 193 -4.14 17.99 -1.99
C SER B 193 -3.41 18.25 -3.32
N THR B 194 -2.21 17.68 -3.41
CA THR B 194 -1.39 17.68 -4.64
C THR B 194 -1.29 16.26 -5.17
N CYS B 195 -1.65 16.08 -6.43
CA CYS B 195 -1.80 14.76 -7.07
C CYS B 195 -0.81 14.74 -8.25
N ALA B 196 -0.23 13.59 -8.54
CA ALA B 196 0.56 13.32 -9.74
C ALA B 196 -0.10 12.16 -10.49
N VAL B 197 -0.27 12.32 -11.80
CA VAL B 197 -0.93 11.30 -12.66
C VAL B 197 0.02 10.93 -13.76
N PHE B 198 0.54 9.70 -13.75
CA PHE B 198 1.47 9.16 -14.78
C PHE B 198 0.62 8.45 -15.82
N GLY B 199 0.55 9.03 -17.00
CA GLY B 199 -0.19 8.51 -18.15
C GLY B 199 -1.44 9.30 -18.34
N LEU B 200 -1.54 9.96 -19.52
CA LEU B 200 -2.65 10.90 -19.80
C LEU B 200 -3.50 10.36 -20.96
N GLY B 201 -3.72 9.06 -21.02
CA GLY B 201 -4.71 8.48 -21.95
C GLY B 201 -6.08 8.55 -21.37
N GLY B 202 -7.00 7.71 -21.84
CA GLY B 202 -8.39 7.79 -21.43
C GLY B 202 -8.56 7.53 -19.94
N VAL B 203 -7.77 6.59 -19.40
CA VAL B 203 -7.94 6.28 -17.96
C VAL B 203 -7.24 7.39 -17.13
N GLY B 204 -6.05 7.84 -17.55
CA GLY B 204 -5.34 8.90 -16.80
C GLY B 204 -6.17 10.17 -16.78
N LEU B 205 -6.80 10.51 -17.91
CA LEU B 205 -7.66 11.73 -17.93
C LEU B 205 -8.84 11.56 -16.99
N SER B 206 -9.38 10.35 -16.83
CA SER B 206 -10.47 10.08 -15.90
C SER B 206 -9.98 10.17 -14.45
N VAL B 207 -8.73 9.81 -14.21
CA VAL B 207 -8.10 10.02 -12.88
C VAL B 207 -8.06 11.52 -12.60
N ILE B 208 -7.67 12.33 -13.57
CA ILE B 208 -7.62 13.81 -13.37
C ILE B 208 -9.04 14.27 -13.08
N MET B 209 -10.01 13.86 -13.88
CA MET B 209 -11.40 14.28 -13.62
C MET B 209 -11.73 13.98 -12.16
N GLY B 210 -11.37 12.80 -11.65
CA GLY B 210 -11.72 12.47 -10.25
C GLY B 210 -10.95 13.32 -9.27
N CYS B 211 -9.67 13.51 -9.48
CA CYS B 211 -8.88 14.36 -8.56
C CYS B 211 -9.48 15.79 -8.52
N LYS B 212 -9.90 16.34 -9.65
CA LYS B 212 -10.51 17.70 -9.70
C LYS B 212 -11.85 17.65 -8.95
N ALA B 213 -12.64 16.63 -9.20
CA ALA B 213 -13.94 16.45 -8.51
C ALA B 213 -13.78 16.38 -6.98
N ALA B 214 -12.70 15.78 -6.49
CA ALA B 214 -12.37 15.64 -5.06
C ALA B 214 -11.76 16.92 -4.50
N GLY B 215 -11.52 17.94 -5.33
CA GLY B 215 -11.05 19.25 -4.81
C GLY B 215 -9.54 19.33 -4.70
N ALA B 216 -8.77 18.49 -5.39
CA ALA B 216 -7.30 18.64 -5.36
C ALA B 216 -6.93 20.07 -5.76
N ALA B 217 -5.96 20.66 -5.10
CA ALA B 217 -5.46 22.02 -5.47
C ALA B 217 -4.49 21.97 -6.66
N ARG B 218 -3.69 20.90 -6.77
CA ARG B 218 -2.66 20.76 -7.81
C ARG B 218 -2.82 19.37 -8.40
N ILE B 219 -2.75 19.28 -9.72
CA ILE B 219 -2.86 17.98 -10.44
C ILE B 219 -1.79 18.00 -11.50
N ILE B 220 -0.69 17.32 -11.28
CA ILE B 220 0.47 17.30 -12.20
C ILE B 220 0.30 16.09 -13.12
N GLY B 221 0.09 16.35 -14.40
CA GLY B 221 0.07 15.29 -15.43
C GLY B 221 1.49 14.95 -15.83
N VAL B 222 1.80 13.68 -16.01
CA VAL B 222 3.14 13.21 -16.44
C VAL B 222 2.92 12.33 -17.66
N ASP B 223 3.51 12.68 -18.79
CA ASP B 223 3.48 11.82 -19.99
C ASP B 223 4.74 12.10 -20.81
N ILE B 224 5.27 11.10 -21.51
CA ILE B 224 6.38 11.27 -22.50
C ILE B 224 5.85 11.83 -23.81
N ASN B 225 4.54 11.89 -23.99
CA ASN B 225 3.94 12.40 -25.25
C ASN B 225 3.30 13.77 -24.93
N LYS B 226 4.00 14.87 -25.23
CA LYS B 226 3.52 16.20 -24.84
C LYS B 226 2.25 16.59 -25.60
N ASP B 227 1.88 15.87 -26.65
CA ASP B 227 0.61 16.11 -27.34
C ASP B 227 -0.58 15.81 -26.44
N LYS B 228 -0.38 15.09 -25.31
CA LYS B 228 -1.48 14.73 -24.37
C LYS B 228 -1.75 15.85 -23.35
N PHE B 229 -0.89 16.88 -23.31
CA PHE B 229 -0.93 17.87 -22.21
C PHE B 229 -2.13 18.79 -22.35
N ALA B 230 -2.47 19.20 -23.58
CA ALA B 230 -3.58 20.19 -23.71
C ALA B 230 -4.89 19.64 -23.14
N LYS B 231 -5.24 18.42 -23.53
CA LYS B 231 -6.50 17.82 -23.03
C LYS B 231 -6.40 17.54 -21.52
N ALA B 232 -5.22 17.17 -21.02
CA ALA B 232 -5.07 16.96 -19.56
C ALA B 232 -5.39 18.27 -18.80
N LYS B 233 -4.87 19.40 -19.28
CA LYS B 233 -5.21 20.72 -18.68
C LYS B 233 -6.71 21.03 -18.81
N GLU B 234 -7.38 20.72 -19.94
CA GLU B 234 -8.82 21.02 -20.11
C GLU B 234 -9.62 20.32 -19.03
N VAL B 235 -9.22 19.09 -18.64
CA VAL B 235 -10.05 18.33 -17.67
C VAL B 235 -9.49 18.49 -16.24
N GLY B 236 -8.46 19.30 -16.03
CA GLY B 236 -8.12 19.73 -14.67
C GLY B 236 -6.66 19.69 -14.29
N ALA B 237 -5.74 19.21 -15.13
CA ALA B 237 -4.31 19.22 -14.74
C ALA B 237 -3.94 20.70 -14.56
N THR B 238 -3.22 21.00 -13.48
CA THR B 238 -2.71 22.37 -13.25
C THR B 238 -1.35 22.60 -13.90
N GLU B 239 -0.64 21.55 -14.22
CA GLU B 239 0.78 21.53 -14.68
CA GLU B 239 0.71 21.59 -14.84
C GLU B 239 0.96 20.20 -15.43
N CYS B 240 1.79 20.15 -16.47
CA CYS B 240 2.16 18.86 -17.08
C CYS B 240 3.67 18.81 -17.23
N VAL B 241 4.24 17.63 -17.04
CA VAL B 241 5.71 17.47 -17.15
C VAL B 241 5.99 16.24 -17.99
N ASN B 242 6.97 16.38 -18.86
CA ASN B 242 7.49 15.27 -19.69
C ASN B 242 8.84 14.82 -19.14
N PRO B 243 8.98 13.60 -18.57
CA PRO B 243 10.26 13.16 -18.01
C PRO B 243 11.45 13.30 -18.97
N GLN B 244 11.19 13.21 -20.26
CA GLN B 244 12.28 13.34 -21.28
C GLN B 244 12.88 14.75 -21.26
N ASP B 245 12.19 15.75 -20.70
CA ASP B 245 12.71 17.14 -20.71
C ASP B 245 13.73 17.37 -19.61
N TYR B 246 13.95 16.41 -18.70
CA TYR B 246 14.73 16.63 -17.48
C TYR B 246 15.97 15.76 -17.43
N LYS B 247 17.01 16.29 -16.81
CA LYS B 247 18.26 15.51 -16.59
CA LYS B 247 18.27 15.54 -16.56
C LYS B 247 18.03 14.55 -15.40
C LYS B 247 18.30 14.84 -15.21
N LYS B 248 17.28 14.97 -14.41
N LYS B 248 17.21 14.89 -14.45
CA LYS B 248 17.05 14.19 -13.17
C LYS B 248 15.88 13.23 -13.34
N PRO B 249 15.86 12.12 -12.59
CA PRO B 249 14.67 11.24 -12.60
C PRO B 249 13.43 12.03 -12.20
N ILE B 250 12.28 11.66 -12.78
CA ILE B 250 11.07 12.49 -12.58
C ILE B 250 10.60 12.39 -11.13
N GLN B 251 10.90 11.32 -10.38
CA GLN B 251 10.48 11.27 -8.95
C GLN B 251 11.16 12.43 -8.22
N GLU B 252 12.40 12.76 -8.57
CA GLU B 252 13.11 13.88 -7.91
C GLU B 252 12.45 15.20 -8.31
N VAL B 253 12.12 15.32 -9.58
CA VAL B 253 11.46 16.55 -10.09
C VAL B 253 10.14 16.75 -9.36
N LEU B 254 9.33 15.70 -9.28
CA LEU B 254 8.02 15.84 -8.64
C LEU B 254 8.14 16.09 -7.15
N THR B 255 9.11 15.46 -6.48
CA THR B 255 9.32 15.72 -5.03
C THR B 255 9.68 17.20 -4.84
N GLU B 256 10.53 17.77 -5.70
CA GLU B 256 10.94 19.21 -5.62
C GLU B 256 9.71 20.09 -5.90
N MET B 257 8.88 19.74 -6.89
CA MET B 257 7.75 20.58 -7.34
C MET B 257 6.72 20.66 -6.24
N SER B 258 6.61 19.56 -5.49
CA SER B 258 5.58 19.42 -4.44
C SER B 258 6.17 19.71 -3.06
N ASN B 259 7.35 20.31 -3.01
CA ASN B 259 7.99 20.76 -1.74
C ASN B 259 8.05 19.58 -0.77
N GLY B 260 8.46 18.40 -1.26
CA GLY B 260 8.78 17.23 -0.40
C GLY B 260 7.97 16.00 -0.73
N GLY B 261 7.16 15.96 -1.78
CA GLY B 261 6.43 14.79 -2.26
C GLY B 261 4.97 15.08 -2.37
N VAL B 262 4.29 14.38 -3.26
CA VAL B 262 2.84 14.60 -3.52
C VAL B 262 2.00 13.85 -2.47
N ASP B 263 0.74 14.25 -2.35
CA ASP B 263 -0.22 13.56 -1.45
C ASP B 263 -0.66 12.25 -2.07
N PHE B 264 -0.93 12.26 -3.37
CA PHE B 264 -1.51 11.10 -4.08
C PHE B 264 -0.80 10.96 -5.40
N SER B 265 -0.32 9.79 -5.73
CA SER B 265 0.16 9.55 -7.11
C SER B 265 -0.56 8.35 -7.72
N PHE B 266 -0.56 8.28 -9.03
CA PHE B 266 -1.30 7.29 -9.82
C PHE B 266 -0.44 6.82 -10.96
N GLU B 267 -0.28 5.49 -11.06
CA GLU B 267 0.40 4.95 -12.26
C GLU B 267 -0.68 4.49 -13.19
N VAL B 268 -0.74 5.09 -14.40
CA VAL B 268 -1.86 4.82 -15.34
C VAL B 268 -1.24 4.56 -16.71
N ILE B 269 -0.21 3.74 -16.72
CA ILE B 269 0.53 3.37 -17.95
C ILE B 269 0.58 1.86 -18.09
N GLY B 270 1.20 1.21 -17.12
CA GLY B 270 1.45 -0.24 -17.17
C GLY B 270 2.91 -0.58 -17.26
N ARG B 271 3.80 0.21 -16.70
CA ARG B 271 5.24 -0.11 -16.70
C ARG B 271 5.72 -0.31 -15.26
N LEU B 272 6.62 -1.27 -15.08
CA LEU B 272 7.21 -1.55 -13.76
C LEU B 272 7.97 -0.32 -13.29
N ASP B 273 8.72 0.31 -14.18
CA ASP B 273 9.58 1.44 -13.76
C ASP B 273 8.73 2.62 -13.25
N THR B 274 7.70 2.97 -13.94
CA THR B 274 6.81 4.09 -13.54
C THR B 274 5.99 3.68 -12.31
N MET B 275 5.72 2.39 -12.07
CA MET B 275 5.06 2.03 -10.80
C MET B 275 5.96 2.41 -9.63
N VAL B 276 7.25 2.14 -9.74
CA VAL B 276 8.20 2.47 -8.63
C VAL B 276 8.41 3.98 -8.52
N THR B 277 8.51 4.68 -9.65
CA THR B 277 8.69 6.16 -9.72
C THR B 277 7.46 6.82 -9.07
N ALA B 278 6.25 6.32 -9.39
CA ALA B 278 5.03 6.92 -8.85
C ALA B 278 5.03 6.73 -7.34
N LEU B 279 5.42 5.54 -6.84
CA LEU B 279 5.43 5.35 -5.37
C LEU B 279 6.42 6.36 -4.78
N SER B 280 7.63 6.40 -5.31
CA SER B 280 8.72 7.22 -4.74
C SER B 280 8.34 8.69 -4.71
N CYS B 281 7.61 9.20 -5.68
CA CYS B 281 7.29 10.65 -5.73
C CYS B 281 6.23 11.07 -4.72
N CYS B 282 5.46 10.15 -4.07
N CYS B 282 5.58 10.10 -4.07
CA CYS B 282 4.51 10.51 -2.99
CA CYS B 282 4.68 10.36 -2.93
C CYS B 282 5.30 10.70 -1.68
C CYS B 282 5.49 10.78 -1.72
N GLN B 283 4.82 11.63 -0.89
N GLN B 283 4.86 11.58 -0.88
CA GLN B 283 5.46 12.03 0.38
C GLN B 283 5.75 10.79 1.23
N GLU B 284 6.94 10.72 1.80
CA GLU B 284 7.46 9.44 2.38
C GLU B 284 6.71 9.03 3.66
N ALA B 285 6.13 9.97 4.38
CA ALA B 285 5.44 9.69 5.65
C ALA B 285 3.96 9.42 5.48
N TYR B 286 3.30 10.10 4.54
CA TYR B 286 1.82 10.03 4.45
C TYR B 286 1.30 9.97 3.02
N GLY B 287 2.21 9.81 2.06
CA GLY B 287 1.84 9.71 0.63
C GLY B 287 1.04 8.43 0.36
N VAL B 288 0.21 8.44 -0.68
CA VAL B 288 -0.52 7.28 -1.21
C VAL B 288 -0.24 7.18 -2.68
N SER B 289 0.11 6.00 -3.12
CA SER B 289 0.32 5.73 -4.57
C SER B 289 -0.58 4.58 -5.03
N VAL B 290 -1.32 4.78 -6.10
CA VAL B 290 -2.30 3.79 -6.64
C VAL B 290 -1.79 3.30 -7.98
N ILE B 291 -1.67 1.98 -8.09
CA ILE B 291 -1.38 1.33 -9.38
C ILE B 291 -2.67 1.05 -10.13
N VAL B 292 -2.82 1.66 -11.31
CA VAL B 292 -3.99 1.44 -12.20
C VAL B 292 -3.52 0.70 -13.45
N GLY B 293 -2.33 1.01 -13.96
CA GLY B 293 -1.85 0.41 -15.21
C GLY B 293 -1.67 -1.11 -15.05
N VAL B 294 -1.84 -1.83 -16.15
CA VAL B 294 -1.67 -3.31 -16.16
C VAL B 294 -0.24 -3.59 -16.54
N PRO B 295 0.51 -4.25 -15.65
CA PRO B 295 1.90 -4.57 -15.92
C PRO B 295 2.04 -5.75 -16.89
N PRO B 296 3.22 -5.86 -17.53
CA PRO B 296 3.49 -6.93 -18.47
C PRO B 296 3.49 -8.28 -17.71
N ASP B 297 2.84 -9.28 -18.32
CA ASP B 297 2.59 -10.60 -17.72
C ASP B 297 3.89 -11.19 -17.16
N SER B 298 3.79 -11.65 -15.91
CA SER B 298 4.79 -12.52 -15.23
C SER B 298 6.09 -11.73 -14.97
N GLN B 299 6.09 -10.41 -14.95
CA GLN B 299 7.31 -9.64 -14.67
C GLN B 299 7.19 -9.07 -13.26
N ASN B 300 8.28 -9.13 -12.51
CA ASN B 300 8.38 -8.55 -11.16
C ASN B 300 9.10 -7.20 -11.23
N LEU B 301 8.68 -6.27 -10.40
CA LEU B 301 9.45 -5.03 -10.17
C LEU B 301 10.42 -5.25 -9.00
N SER B 302 11.33 -4.32 -8.86
CA SER B 302 12.35 -4.29 -7.80
C SER B 302 12.11 -2.99 -7.07
N MET B 303 12.04 -2.99 -5.75
CA MET B 303 11.88 -1.74 -4.97
C MET B 303 12.49 -1.90 -3.58
N ASN B 304 12.82 -0.78 -3.01
CA ASN B 304 13.39 -0.70 -1.66
C ASN B 304 12.26 -0.55 -0.66
N PRO B 305 12.02 -1.54 0.22
CA PRO B 305 10.89 -1.44 1.12
C PRO B 305 10.99 -0.31 2.15
N MET B 306 12.15 0.33 2.29
CA MET B 306 12.22 1.59 3.10
CA MET B 306 12.24 1.60 3.07
C MET B 306 11.22 2.62 2.55
N LEU B 307 10.87 2.55 1.27
CA LEU B 307 9.86 3.50 0.73
C LEU B 307 8.56 3.38 1.52
N LEU B 308 8.20 2.14 1.90
CA LEU B 308 6.97 1.88 2.66
C LEU B 308 7.22 2.05 4.15
N LEU B 309 8.37 1.65 4.69
CA LEU B 309 8.54 1.67 6.17
C LEU B 309 8.38 3.09 6.73
N SER B 310 8.71 4.12 5.96
CA SER B 310 8.58 5.53 6.42
C SER B 310 7.11 5.98 6.57
N GLY B 311 6.18 5.27 5.92
CA GLY B 311 4.77 5.63 6.03
C GLY B 311 3.99 5.60 4.76
N ARG B 312 4.59 5.46 3.59
CA ARG B 312 3.81 5.39 2.35
C ARG B 312 2.79 4.24 2.37
N THR B 313 1.72 4.46 1.63
CA THR B 313 0.68 3.47 1.29
C THR B 313 0.73 3.20 -0.19
N TRP B 314 0.78 1.94 -0.58
CA TRP B 314 0.83 1.51 -1.99
C TRP B 314 -0.36 0.59 -2.22
N LYS B 315 -1.18 0.88 -3.18
CA LYS B 315 -2.35 -0.01 -3.39
CA LYS B 315 -2.41 0.12 -3.48
C LYS B 315 -2.69 0.00 -4.88
C LYS B 315 -2.48 -0.13 -4.99
N GLY B 316 -3.38 -1.04 -5.36
CA GLY B 316 -3.86 -1.05 -6.75
C GLY B 316 -5.34 -1.33 -6.76
N ALA B 317 -5.98 -1.28 -7.92
CA ALA B 317 -7.41 -1.64 -8.01
C ALA B 317 -7.76 -1.96 -9.45
N ILE B 318 -8.78 -2.77 -9.56
CA ILE B 318 -9.43 -3.06 -10.85
C ILE B 318 -10.70 -2.21 -10.88
N PHE B 319 -11.00 -1.61 -12.02
CA PHE B 319 -12.29 -0.92 -12.28
C PHE B 319 -12.58 0.12 -11.18
N GLY B 320 -11.55 0.86 -10.75
CA GLY B 320 -11.75 2.04 -9.87
C GLY B 320 -12.28 1.63 -8.48
N GLY B 321 -12.12 0.37 -8.12
CA GLY B 321 -12.68 -0.15 -6.86
C GLY B 321 -14.18 -0.22 -6.81
N PHE B 322 -14.86 0.11 -7.89
CA PHE B 322 -16.34 0.04 -7.92
C PHE B 322 -16.88 -1.40 -7.91
N LYS B 323 -17.79 -1.68 -7.00
CA LYS B 323 -18.63 -2.90 -7.14
C LYS B 323 -19.47 -2.72 -8.42
N SER B 324 -19.28 -3.60 -9.38
CA SER B 324 -19.53 -3.23 -10.80
C SER B 324 -21.03 -3.09 -11.05
N LYS B 325 -21.85 -4.05 -10.61
CA LYS B 325 -23.29 -4.05 -10.98
C LYS B 325 -24.03 -3.01 -10.15
N ASP B 326 -23.64 -2.78 -8.89
CA ASP B 326 -24.24 -1.67 -8.12
C ASP B 326 -23.86 -0.34 -8.77
N SER B 327 -22.61 -0.19 -9.20
CA SER B 327 -22.03 1.15 -9.49
C SER B 327 -22.38 1.62 -10.89
N VAL B 328 -22.34 0.72 -11.87
CA VAL B 328 -22.46 1.19 -13.28
C VAL B 328 -23.79 1.90 -13.56
N PRO B 329 -24.96 1.43 -13.08
CA PRO B 329 -26.19 2.17 -13.34
C PRO B 329 -26.19 3.56 -12.69
N LYS B 330 -25.59 3.67 -11.51
CA LYS B 330 -25.51 4.96 -10.77
CA LYS B 330 -25.51 4.95 -10.75
C LYS B 330 -24.60 5.91 -11.51
N LEU B 331 -23.49 5.42 -12.03
CA LEU B 331 -22.57 6.26 -12.83
C LEU B 331 -23.31 6.76 -14.06
N VAL B 332 -24.11 5.91 -14.72
CA VAL B 332 -24.84 6.36 -15.93
C VAL B 332 -25.86 7.43 -15.50
N ALA B 333 -26.56 7.20 -14.38
CA ALA B 333 -27.56 8.21 -13.88
C ALA B 333 -26.81 9.52 -13.61
N ASP B 334 -25.64 9.44 -12.98
CA ASP B 334 -24.86 10.65 -12.66
C ASP B 334 -24.45 11.36 -13.95
N PHE B 335 -24.10 10.61 -14.99
CA PHE B 335 -23.75 11.21 -16.29
C PHE B 335 -24.98 11.92 -16.87
N MET B 336 -26.13 11.26 -16.86
CA MET B 336 -27.41 11.84 -17.37
CA MET B 336 -27.32 11.93 -17.45
C MET B 336 -27.74 13.12 -16.59
N ALA B 337 -27.32 13.19 -15.32
CA ALA B 337 -27.56 14.35 -14.41
C ALA B 337 -26.43 15.37 -14.54
N LYS B 338 -25.54 15.23 -15.52
CA LYS B 338 -24.42 16.14 -15.81
C LYS B 338 -23.45 16.27 -14.65
N LYS B 339 -23.23 15.22 -13.84
CA LYS B 339 -22.26 15.28 -12.72
C LYS B 339 -20.82 15.16 -13.25
N PHE B 340 -20.64 14.58 -14.42
CA PHE B 340 -19.30 14.51 -15.06
C PHE B 340 -19.46 14.46 -16.58
N ALA B 341 -18.39 14.69 -17.32
CA ALA B 341 -18.33 14.77 -18.79
C ALA B 341 -17.61 13.53 -19.35
N LEU B 342 -18.04 13.01 -20.48
CA LEU B 342 -17.36 11.90 -21.18
C LEU B 342 -16.81 12.36 -22.53
N ASP B 343 -17.39 13.42 -23.14
CA ASP B 343 -16.93 13.88 -24.46
C ASP B 343 -15.43 14.19 -24.48
N PRO B 344 -14.80 14.71 -23.39
CA PRO B 344 -13.37 14.98 -23.46
C PRO B 344 -12.52 13.74 -23.69
N LEU B 345 -13.05 12.56 -23.38
CA LEU B 345 -12.27 11.31 -23.61
C LEU B 345 -12.39 10.82 -25.07
N ILE B 346 -13.41 11.26 -25.79
CA ILE B 346 -13.72 10.70 -27.13
C ILE B 346 -13.08 11.60 -28.18
N THR B 347 -12.09 11.08 -28.87
CA THR B 347 -11.37 11.82 -29.93
C THR B 347 -11.79 11.36 -31.33
N HIS B 348 -12.35 10.17 -31.48
CA HIS B 348 -12.57 9.50 -32.78
C HIS B 348 -13.81 8.64 -32.64
N VAL B 349 -14.65 8.63 -33.65
CA VAL B 349 -15.81 7.72 -33.69
C VAL B 349 -15.75 7.07 -35.06
N LEU B 350 -15.64 5.73 -35.11
CA LEU B 350 -15.45 4.98 -36.37
C LEU B 350 -16.47 3.88 -36.43
N PRO B 351 -16.83 3.43 -37.64
CA PRO B 351 -17.61 2.20 -37.73
C PRO B 351 -16.80 1.01 -37.21
N PHE B 352 -17.50 0.00 -36.69
CA PHE B 352 -16.86 -1.23 -36.15
C PHE B 352 -15.92 -1.90 -37.16
N GLU B 353 -16.28 -1.87 -38.45
CA GLU B 353 -15.48 -2.44 -39.57
C GLU B 353 -14.08 -1.80 -39.60
N LYS B 354 -13.89 -0.61 -38.98
CA LYS B 354 -12.60 0.12 -38.95
C LYS B 354 -11.84 -0.14 -37.62
N ILE B 355 -12.11 -1.27 -36.98
CA ILE B 355 -11.41 -1.61 -35.69
C ILE B 355 -9.89 -1.48 -35.84
N ASN B 356 -9.28 -2.04 -36.87
CA ASN B 356 -7.80 -2.01 -36.98
C ASN B 356 -7.31 -0.55 -37.05
N GLU B 357 -8.02 0.29 -37.82
CA GLU B 357 -7.66 1.72 -37.93
C GLU B 357 -7.79 2.38 -36.54
N GLY B 358 -8.77 1.97 -35.75
CA GLY B 358 -8.92 2.46 -34.35
C GLY B 358 -7.72 2.10 -33.51
N PHE B 359 -7.22 0.88 -33.64
CA PHE B 359 -6.06 0.44 -32.85
C PHE B 359 -4.83 1.19 -33.31
N ASP B 360 -4.70 1.45 -34.62
CA ASP B 360 -3.50 2.15 -35.10
C ASP B 360 -3.53 3.58 -34.56
N LEU B 361 -4.69 4.22 -34.45
CA LEU B 361 -4.78 5.57 -33.81
C LEU B 361 -4.27 5.44 -32.37
N LEU B 362 -4.68 4.42 -31.62
CA LEU B 362 -4.19 4.33 -30.22
C LEU B 362 -2.67 4.13 -30.19
N ARG B 363 -2.18 3.19 -31.00
CA ARG B 363 -0.73 2.87 -31.00
C ARG B 363 0.11 4.08 -31.40
N SER B 364 -0.37 4.93 -32.30
CA SER B 364 0.38 6.06 -32.86
C SER B 364 0.46 7.23 -31.88
N GLY B 365 -0.30 7.20 -30.76
CA GLY B 365 -0.37 8.33 -29.82
C GLY B 365 -1.43 9.36 -30.18
N GLU B 366 -2.16 9.16 -31.28
CA GLU B 366 -3.08 10.18 -31.86
CA GLU B 366 -3.07 10.18 -31.87
C GLU B 366 -4.42 10.21 -31.13
N SER B 367 -4.93 9.11 -30.61
CA SER B 367 -6.27 9.07 -29.99
C SER B 367 -6.21 8.99 -28.46
N ILE B 368 -7.32 9.33 -27.85
CA ILE B 368 -7.65 8.96 -26.45
C ILE B 368 -8.57 7.76 -26.60
N ARG B 369 -9.86 7.96 -26.64
CA ARG B 369 -10.82 6.84 -26.93
C ARG B 369 -11.34 7.03 -28.36
N THR B 370 -11.20 5.99 -29.14
CA THR B 370 -12.03 5.73 -30.32
C THR B 370 -13.22 4.91 -29.89
N ILE B 371 -14.43 5.35 -30.22
CA ILE B 371 -15.68 4.59 -30.05
C ILE B 371 -15.99 3.95 -31.41
N LEU B 372 -16.15 2.63 -31.42
CA LEU B 372 -16.65 1.89 -32.59
C LEU B 372 -18.16 1.72 -32.50
N THR B 373 -18.86 2.02 -33.60
CA THR B 373 -20.32 1.94 -33.68
C THR B 373 -20.70 0.78 -34.58
N PHE B 374 -21.66 -0.01 -34.12
CA PHE B 374 -22.12 -1.23 -34.85
C PHE B 374 -23.13 -0.84 -35.91
ZN ZN C . 13.38 -0.48 18.59
ZN ZN D . 8.41 17.61 12.37
PA NAI E . 12.91 -10.19 17.57
O1A NAI E . 14.22 -10.68 16.93
O2A NAI E . 12.74 -10.31 18.98
O5B NAI E . 11.73 -10.92 16.84
C5B NAI E . 11.73 -11.33 15.51
C4B NAI E . 11.16 -12.73 15.42
O4B NAI E . 11.19 -13.12 14.05
C3B NAI E . 11.97 -13.77 16.21
O3B NAI E . 11.14 -14.35 17.21
C2B NAI E . 12.46 -14.72 15.09
O2B NAI E . 12.47 -16.13 15.46
C1B NAI E . 11.42 -14.53 14.01
N9A NAI E . 11.92 -14.90 12.70
C8A NAI E . 13.22 -14.76 12.21
N7A NAI E . 13.24 -15.19 10.95
C5A NAI E . 12.08 -15.64 10.59
C6A NAI E . 11.47 -16.24 9.42
N6A NAI E . 12.26 -16.39 8.35
N1A NAI E . 10.26 -16.49 9.40
C2A NAI E . 9.40 -16.34 10.45
N3A NAI E . 9.90 -15.79 11.71
C4A NAI E . 11.15 -15.47 11.73
O3 NAI E . 12.86 -8.66 17.07
PN NAI E . 11.89 -7.43 17.59
O1N NAI E . 12.68 -6.64 18.56
O2N NAI E . 10.53 -7.94 17.82
O5D NAI E . 11.98 -6.56 16.20
C5D NAI E . 11.26 -7.13 15.06
C4D NAI E . 11.64 -6.26 13.85
O4D NAI E . 11.02 -4.98 13.96
C3D NAI E . 13.17 -6.05 13.64
O3D NAI E . 13.44 -5.98 12.23
C2D NAI E . 13.31 -4.61 14.15
O2D NAI E . 14.48 -3.91 13.68
C1D NAI E . 11.96 -3.97 13.72
N1N NAI E . 11.61 -2.71 14.41
C2N NAI E . 10.90 -1.83 13.71
C3N NAI E . 10.40 -0.66 14.28
C7N NAI E . 9.65 0.29 13.48
O7N NAI E . 9.48 1.44 14.01
N7N NAI E . 9.15 -0.01 12.30
C4N NAI E . 10.67 -0.44 15.69
C5N NAI E . 10.97 -1.62 16.41
C6N NAI E . 11.55 -2.70 15.79
C1 MPD F . -4.19 -7.25 29.09
C2 MPD F . -5.25 -6.24 29.48
O2 MPD F . -5.58 -5.49 28.31
CM MPD F . -6.52 -6.93 29.92
C3 MPD F . -4.74 -5.23 30.53
C4 MPD F . -4.05 -5.84 31.76
O4 MPD F . -3.37 -4.80 32.43
C5 MPD F . -5.01 -6.53 32.73
C1 MRD G . -10.27 -21.54 16.43
C2 MRD G . -9.24 -21.76 15.32
O2 MRD G . -8.93 -20.46 14.75
CM MRD G . -7.93 -22.29 15.89
C3 MRD G . -9.78 -22.69 14.23
C4 MRD G . -11.01 -22.18 13.50
O4 MRD G . -12.12 -23.05 13.76
C5 MRD G . -10.83 -21.99 12.02
C1 MPD H . -11.22 -20.62 14.18
C2 MPD H . -10.70 -22.03 14.33
O2 MPD H . -11.76 -23.00 14.22
CM MPD H . -9.71 -22.37 13.22
C3 MPD H . -10.12 -22.25 15.73
C4 MPD H . -8.82 -21.57 15.98
O4 MPD H . -9.01 -20.14 15.96
C5 MPD H . -8.27 -22.01 17.31
ZN ZN I . -10.24 -1.32 -20.19
ZN ZN J . -18.68 -12.12 -6.01
PA NAI K . -3.29 4.83 -23.08
O1A NAI K . -2.20 4.19 -23.92
O2A NAI K . -4.33 5.62 -23.76
O5B NAI K . -2.55 5.83 -22.08
C5B NAI K . -1.20 5.64 -21.62
C4B NAI K . -0.39 6.89 -21.59
O4B NAI K . 0.82 6.56 -21.01
C3B NAI K . -0.05 7.36 -23.03
O3B NAI K . -0.56 8.70 -23.18
C2B NAI K . 1.46 7.28 -23.12
O2B NAI K . 2.04 8.32 -23.90
C1B NAI K . 1.85 7.29 -21.64
N9A NAI K . 3.18 6.70 -21.41
C8A NAI K . 3.68 5.56 -22.00
N7A NAI K . 4.89 5.38 -21.47
C5A NAI K . 5.14 6.33 -20.58
C6A NAI K . 6.29 6.64 -19.76
N6A NAI K . 7.40 5.83 -19.82
N1A NAI K . 6.23 7.61 -19.04
C2A NAI K . 5.17 8.42 -18.94
N3A NAI K . 4.04 8.21 -19.77
C4A NAI K . 4.09 7.15 -20.55
O3 NAI K . -3.90 3.78 -22.09
PN NAI K . -5.24 3.77 -21.29
O1N NAI K . -6.35 3.12 -22.06
O2N NAI K . -5.41 5.10 -20.63
O5D NAI K . -4.79 2.67 -20.22
C5D NAI K . -3.71 3.03 -19.32
C4D NAI K . -3.38 1.75 -18.47
O4D NAI K . -4.41 1.33 -17.61
C3D NAI K . -3.09 0.49 -19.33
O3D NAI K . -1.98 -0.26 -18.77
C2D NAI K . -4.36 -0.34 -19.23
O2D NAI K . -4.18 -1.73 -19.50
C1D NAI K . -4.63 -0.07 -17.76
N1N NAI K . -6.01 -0.32 -17.45
C2N NAI K . -6.32 -0.77 -16.18
C3N NAI K . -7.56 -0.91 -15.69
C7N NAI K . -7.89 -1.37 -14.24
O7N NAI K . -9.02 -1.80 -14.00
N7N NAI K . -6.89 -1.30 -13.38
C4N NAI K . -8.85 -0.62 -16.52
C5N NAI K . -8.36 0.22 -17.68
C6N NAI K . -7.09 0.29 -18.18
C1 MPD L . -4.91 -8.05 -16.32
C2 MPD L . -6.28 -8.01 -15.59
O2 MPD L . -7.24 -8.69 -16.47
CM MPD L . -6.19 -8.76 -14.28
C3 MPD L . -6.65 -6.56 -15.28
C4 MPD L . -7.34 -5.79 -16.37
O4 MPD L . -8.33 -6.52 -17.04
C5 MPD L . -7.96 -4.52 -15.85
#